data_2GQN
#
_entry.id   2GQN
#
_cell.length_a   59.637
_cell.length_b   153.007
_cell.length_c   151.240
_cell.angle_alpha   90.00
_cell.angle_beta   90.00
_cell.angle_gamma   90.00
#
_symmetry.space_group_name_H-M   'C 2 2 21'
#
loop_
_entity.id
_entity.type
_entity.pdbx_description
1 polymer 'Cystathionine beta-lyase'
2 non-polymer '(5-HYDROXY-6-METHYL-4-((2-(2-(2-NITROBENZAMIDO)ACETYL)HYDRAZINYL)METHYL)PYRIDIN-3-YL)METHYL DIHYDROGEN PHOSPHATE'
3 water water
#
_entity_poly.entity_id   1
_entity_poly.type   'polypeptide(L)'
_entity_poly.pdbx_seq_one_letter_code
;MGSSHHHHHHSSGLVPRGSHMADKKLDTQLVNAGRSKKYTLGAVNSVIQRASSLVFDSVEAKKHATRNRANGELFYGRRG
TLTHFSLQQAMCELEGGAGCVLFPCGAAAVANSILAFIEQGDHVLMTNTAYEPSQDFCSKILSKLGVTTSWFDPLIGADI
VKHLQPNTKIVFLESPGSITMEVHDVPAIVAAVRSVVPDAIIMIDNTWAAGVLFKALDFGIDVSIQAATKYLVGHSDAMI
GTAVCNARCWEQLRENAYLMGQMVDADTAYITSRGLRTLGVRLRQHHESSLKVAEWLAEHPQVARVNHPALPGSKGHEFW
KRDFTGSSGLFSFVLKKKLNNEELANYLDNFSLFSMAYSWGGYESLILANQPEHIAAIRPQGEIDFSGTLIRLHIGLEDV
DDLIADLDAGFARIV
;
_entity_poly.pdbx_strand_id   A,B
#
# COMPACT_ATOMS: atom_id res chain seq x y z
N LYS A 25 11.45 -29.17 -11.53
CA LYS A 25 10.82 -28.77 -10.25
C LYS A 25 11.02 -27.33 -9.77
N LEU A 26 11.90 -26.56 -10.43
CA LEU A 26 12.04 -25.14 -10.06
C LEU A 26 10.68 -24.38 -10.07
N ASP A 27 9.82 -24.66 -11.04
CA ASP A 27 8.56 -23.90 -11.18
C ASP A 27 7.66 -24.16 -10.03
N THR A 28 7.73 -25.40 -9.54
CA THR A 28 6.91 -25.86 -8.43
C THR A 28 7.42 -25.30 -7.12
N GLN A 29 8.75 -25.31 -6.97
CA GLN A 29 9.44 -24.75 -5.80
C GLN A 29 9.07 -23.28 -5.66
N LEU A 30 9.15 -22.53 -6.78
CA LEU A 30 8.83 -21.12 -6.78
C LEU A 30 7.40 -20.80 -6.36
N VAL A 31 6.45 -21.58 -6.86
CA VAL A 31 5.07 -21.42 -6.47
C VAL A 31 4.88 -21.63 -4.97
N ASN A 32 5.64 -22.57 -4.37
CA ASN A 32 5.38 -22.98 -2.99
C ASN A 32 6.32 -22.44 -1.93
N ALA A 33 7.46 -21.92 -2.34
CA ALA A 33 8.53 -21.44 -1.46
C ALA A 33 8.01 -20.49 -0.38
N GLY A 34 8.24 -20.87 0.88
CA GLY A 34 7.80 -20.10 2.07
C GLY A 34 6.31 -20.07 2.41
N ARG A 35 5.49 -20.80 1.63
CA ARG A 35 4.03 -20.77 1.81
C ARG A 35 3.57 -21.84 2.75
N SER A 36 4.19 -21.91 3.92
CA SER A 36 3.69 -22.76 4.98
C SER A 36 2.43 -22.14 5.58
N LYS A 37 1.54 -23.03 6.03
CA LYS A 37 0.31 -22.64 6.68
C LYS A 37 0.54 -21.67 7.85
N LYS A 38 1.67 -21.76 8.54
CA LYS A 38 1.87 -20.87 9.68
C LYS A 38 2.10 -19.42 9.20
N TYR A 39 2.36 -19.27 7.90
CA TYR A 39 2.61 -17.95 7.31
C TYR A 39 1.41 -17.40 6.50
N THR A 40 0.73 -18.31 5.82
CA THR A 40 -0.44 -17.98 4.98
C THR A 40 -1.75 -17.91 5.76
N LEU A 41 -1.88 -18.72 6.81
CA LEU A 41 -3.04 -18.63 7.71
C LEU A 41 -4.40 -18.76 7.04
N GLY A 42 -4.47 -19.58 6.00
CA GLY A 42 -5.72 -19.83 5.31
C GLY A 42 -5.71 -19.21 3.93
N ALA A 43 -4.85 -18.24 3.72
CA ALA A 43 -4.81 -17.61 2.41
C ALA A 43 -3.86 -18.38 1.50
N VAL A 44 -3.76 -17.92 0.27
CA VAL A 44 -2.80 -18.47 -0.66
C VAL A 44 -1.46 -17.82 -0.37
N ASN A 45 -1.43 -16.49 -0.22
CA ASN A 45 -0.17 -15.75 0.01
C ASN A 45 0.08 -15.60 1.52
N SER A 46 1.33 -15.36 1.92
CA SER A 46 1.64 -15.00 3.31
C SER A 46 0.78 -13.85 3.78
N VAL A 47 0.43 -13.82 5.07
CA VAL A 47 -0.14 -12.61 5.65
C VAL A 47 0.88 -11.49 5.58
N ILE A 48 0.37 -10.28 5.65
CA ILE A 48 1.17 -9.11 5.85
C ILE A 48 0.93 -8.62 7.26
N GLN A 49 1.95 -8.84 8.08
CA GLN A 49 1.91 -8.45 9.45
C GLN A 49 2.81 -7.24 9.63
N ARG A 50 2.20 -6.05 9.69
CA ARG A 50 2.95 -4.82 9.92
C ARG A 50 3.11 -4.65 11.42
N ALA A 51 4.36 -4.54 11.87
CA ALA A 51 4.61 -4.31 13.29
C ALA A 51 6.01 -3.76 13.56
N SER A 52 6.09 -2.89 14.57
CA SER A 52 7.29 -2.75 15.39
C SER A 52 7.11 -3.59 16.70
N SER A 53 6.33 -3.10 17.67
CA SER A 53 6.02 -3.88 18.88
C SER A 53 5.40 -5.25 18.53
N LEU A 54 5.92 -6.29 19.17
CA LEU A 54 5.30 -7.61 19.14
C LEU A 54 4.99 -7.95 20.60
N VAL A 55 3.74 -8.30 20.86
CA VAL A 55 3.23 -8.45 22.24
C VAL A 55 3.51 -9.85 22.82
N PHE A 56 3.96 -9.88 24.08
CA PHE A 56 4.18 -11.09 24.83
C PHE A 56 3.02 -11.24 25.80
N ASP A 57 2.32 -12.38 25.73
CA ASP A 57 1.19 -12.62 26.64
C ASP A 57 1.65 -12.84 28.09
N SER A 58 2.93 -13.19 28.28
CA SER A 58 3.45 -13.45 29.63
C SER A 58 4.94 -13.24 29.69
N VAL A 59 5.48 -13.25 30.92
CA VAL A 59 6.91 -13.14 31.13
C VAL A 59 7.62 -14.40 30.56
N GLU A 60 7.01 -15.56 30.80
CA GLU A 60 7.48 -16.81 30.22
C GLU A 60 7.54 -16.78 28.70
N ALA A 61 6.42 -16.34 28.09
CA ALA A 61 6.32 -16.14 26.64
C ALA A 61 7.46 -15.24 26.15
N LYS A 62 7.67 -14.13 26.86
CA LYS A 62 8.71 -13.14 26.52
C LYS A 62 10.09 -13.76 26.62
N LYS A 63 10.30 -14.60 27.62
CA LYS A 63 11.57 -15.33 27.72
C LYS A 63 11.77 -16.27 26.53
N HIS A 64 10.74 -17.05 26.18
CA HIS A 64 10.83 -17.97 25.04
C HIS A 64 11.12 -17.22 23.71
N ALA A 65 10.38 -16.15 23.44
CA ALA A 65 10.62 -15.31 22.25
C ALA A 65 12.04 -14.78 22.26
N THR A 66 12.48 -14.24 23.38
CA THR A 66 13.86 -13.73 23.51
C THR A 66 14.91 -14.77 23.10
N ARG A 67 14.85 -16.00 23.65
CA ARG A 67 15.84 -17.01 23.23
C ARG A 67 15.77 -17.37 21.73
N ASN A 68 14.60 -17.22 21.13
CA ASN A 68 14.37 -17.58 19.73
C ASN A 68 14.21 -16.35 18.83
N ARG A 69 14.75 -15.19 19.22
CA ARG A 69 14.55 -13.95 18.43
C ARG A 69 15.22 -13.87 17.04
N ALA A 70 16.22 -14.73 16.82
CA ALA A 70 16.91 -14.88 15.54
C ALA A 70 16.51 -16.21 14.82
N ASN A 71 15.41 -16.81 15.29
CA ASN A 71 15.03 -18.18 14.95
C ASN A 71 13.53 -18.24 14.62
N GLY A 72 12.99 -17.18 14.02
CA GLY A 72 11.59 -17.20 13.55
C GLY A 72 10.50 -17.28 14.62
N GLU A 73 10.79 -16.80 15.82
CA GLU A 73 9.71 -16.52 16.75
C GLU A 73 9.49 -15.01 16.90
N LEU A 74 8.22 -14.58 16.91
CA LEU A 74 7.91 -13.16 16.98
C LEU A 74 8.57 -12.52 18.20
N PHE A 75 9.38 -11.49 17.96
CA PHE A 75 10.06 -10.85 19.09
C PHE A 75 10.08 -9.32 18.99
N TYR A 76 10.57 -8.81 17.86
CA TYR A 76 10.55 -7.37 17.63
C TYR A 76 10.53 -7.15 16.13
N GLY A 77 9.80 -6.13 15.65
CA GLY A 77 9.66 -5.91 14.22
C GLY A 77 10.97 -5.80 13.46
N ARG A 78 12.01 -5.35 14.16
CA ARG A 78 13.31 -5.17 13.51
C ARG A 78 13.91 -6.48 13.10
N ARG A 79 13.63 -7.52 13.90
CA ARG A 79 13.99 -8.92 13.58
C ARG A 79 12.99 -9.52 12.57
N GLY A 80 11.80 -8.92 12.45
CA GLY A 80 10.82 -9.32 11.45
C GLY A 80 9.54 -9.89 12.00
N THR A 81 8.53 -9.93 11.11
CA THR A 81 7.24 -10.55 11.37
C THR A 81 7.06 -11.83 10.54
N LEU A 82 5.87 -12.43 10.64
CA LEU A 82 5.50 -13.57 9.84
C LEU A 82 5.83 -13.40 8.40
N THR A 83 5.63 -12.19 7.89
CA THR A 83 5.84 -11.95 6.51
C THR A 83 7.32 -12.03 6.13
N HIS A 84 8.18 -11.52 7.01
CA HIS A 84 9.61 -11.55 6.75
C HIS A 84 10.06 -13.02 6.84
N PHE A 85 9.61 -13.73 7.86
CA PHE A 85 10.01 -15.13 8.03
C PHE A 85 9.65 -16.02 6.83
N SER A 86 8.44 -15.85 6.32
CA SER A 86 8.02 -16.45 5.04
C SER A 86 8.97 -16.20 3.86
N LEU A 87 9.32 -14.94 3.61
CA LEU A 87 10.31 -14.64 2.58
C LEU A 87 11.69 -15.30 2.86
N GLN A 88 12.13 -15.22 4.12
CA GLN A 88 13.40 -15.81 4.48
C GLN A 88 13.42 -17.34 4.25
N GLN A 89 12.39 -18.06 4.70
CA GLN A 89 12.25 -19.47 4.36
C GLN A 89 12.35 -19.73 2.83
N ALA A 90 11.63 -18.91 2.05
CA ALA A 90 11.59 -19.06 0.60
C ALA A 90 12.98 -18.83 -0.04
N MET A 91 13.69 -17.82 0.43
CA MET A 91 15.00 -17.54 -0.15
C MET A 91 15.99 -18.65 0.18
N CYS A 92 15.89 -19.15 1.42
CA CYS A 92 16.72 -20.26 1.87
C CYS A 92 16.45 -21.56 1.10
N GLU A 93 15.19 -21.84 0.81
CA GLU A 93 14.96 -23.01 -0.03
C GLU A 93 15.40 -22.82 -1.47
N LEU A 94 15.15 -21.66 -2.05
CA LEU A 94 15.54 -21.42 -3.42
C LEU A 94 17.04 -21.35 -3.65
N GLU A 95 17.79 -20.81 -2.68
CA GLU A 95 19.22 -20.75 -2.87
C GLU A 95 20.01 -21.74 -2.04
N GLY A 96 19.34 -22.62 -1.32
CA GLY A 96 20.07 -23.67 -0.60
C GLY A 96 20.92 -23.10 0.53
N GLY A 97 20.33 -22.22 1.34
CA GLY A 97 21.06 -21.58 2.43
C GLY A 97 20.59 -21.95 3.83
N ALA A 98 21.40 -21.57 4.81
CA ALA A 98 21.07 -21.71 6.24
C ALA A 98 20.25 -20.51 6.71
N GLY A 99 20.47 -19.34 6.11
CA GLY A 99 19.69 -18.18 6.52
C GLY A 99 19.69 -17.13 5.42
N CYS A 100 18.76 -16.19 5.53
CA CYS A 100 18.59 -15.11 4.52
C CYS A 100 18.48 -13.89 5.34
N VAL A 101 19.36 -12.93 5.07
CA VAL A 101 19.35 -11.66 5.75
C VAL A 101 18.77 -10.63 4.78
N LEU A 102 17.94 -9.74 5.31
CA LEU A 102 17.20 -8.78 4.48
C LEU A 102 17.66 -7.31 4.65
N PHE A 103 17.59 -6.53 3.57
CA PHE A 103 18.13 -5.17 3.59
C PHE A 103 17.18 -4.30 2.79
N PRO A 104 17.23 -2.97 2.99
CA PRO A 104 16.34 -2.11 2.23
C PRO A 104 16.58 -1.99 0.71
N CYS A 105 17.75 -2.41 0.21
CA CYS A 105 17.99 -2.47 -1.23
C CYS A 105 19.25 -3.33 -1.43
N GLY A 106 19.56 -3.60 -2.68
CA GLY A 106 20.75 -4.37 -3.03
C GLY A 106 22.02 -3.69 -2.56
N ALA A 107 22.13 -2.37 -2.73
CA ALA A 107 23.36 -1.70 -2.35
C ALA A 107 23.60 -1.79 -0.86
N ALA A 108 22.53 -1.77 -0.09
CA ALA A 108 22.62 -2.02 1.34
C ALA A 108 23.03 -3.45 1.65
N ALA A 109 22.61 -4.42 0.85
CA ALA A 109 22.98 -5.86 1.15
C ALA A 109 24.47 -6.04 0.85
N VAL A 110 24.95 -5.41 -0.21
CA VAL A 110 26.37 -5.53 -0.51
C VAL A 110 27.24 -4.85 0.55
N ALA A 111 26.96 -3.57 0.84
CA ALA A 111 27.80 -2.78 1.76
C ALA A 111 27.82 -3.40 3.13
N ASN A 112 26.64 -3.81 3.59
CA ASN A 112 26.49 -4.41 4.91
C ASN A 112 26.92 -5.85 5.07
N SER A 113 26.78 -6.68 4.02
CA SER A 113 27.37 -8.02 4.05
C SER A 113 28.90 -7.93 4.12
N ILE A 114 29.52 -7.05 3.33
CA ILE A 114 30.97 -6.88 3.46
C ILE A 114 31.39 -6.31 4.84
N LEU A 115 30.72 -5.27 5.30
CA LEU A 115 31.04 -4.67 6.61
C LEU A 115 30.96 -5.74 7.69
N ALA A 116 29.96 -6.59 7.62
CA ALA A 116 29.72 -7.61 8.66
C ALA A 116 30.93 -8.52 8.93
N PHE A 117 31.82 -8.61 7.95
CA PHE A 117 32.94 -9.54 8.02
C PHE A 117 34.33 -8.91 8.10
N ILE A 118 34.42 -7.59 8.00
CA ILE A 118 35.72 -6.98 8.05
C ILE A 118 36.06 -6.36 9.42
N GLU A 119 37.35 -6.08 9.56
CA GLU A 119 37.92 -5.33 10.67
C GLU A 119 39.06 -4.53 10.07
N GLN A 120 39.45 -3.49 10.79
CA GLN A 120 40.62 -2.70 10.44
C GLN A 120 41.86 -3.63 10.22
N GLY A 121 42.60 -3.37 9.15
CA GLY A 121 43.74 -4.24 8.76
C GLY A 121 43.39 -5.34 7.75
N ASP A 122 42.10 -5.56 7.47
CA ASP A 122 41.68 -6.56 6.46
C ASP A 122 41.94 -6.09 5.03
N HIS A 123 41.93 -7.06 4.10
CA HIS A 123 41.99 -6.78 2.68
C HIS A 123 40.74 -7.32 1.98
N VAL A 124 40.22 -6.54 1.05
CA VAL A 124 39.09 -7.00 0.24
C VAL A 124 39.52 -7.15 -1.21
N LEU A 125 39.19 -8.29 -1.79
CA LEU A 125 39.47 -8.58 -3.18
C LEU A 125 38.20 -8.70 -4.00
N MET A 126 38.00 -7.75 -4.90
CA MET A 126 36.71 -7.54 -5.59
C MET A 126 36.90 -7.57 -7.12
N THR A 127 35.99 -8.20 -7.86
CA THR A 127 36.12 -8.20 -9.32
C THR A 127 36.07 -6.75 -9.84
N ASN A 128 36.87 -6.42 -10.84
CA ASN A 128 36.84 -5.04 -11.34
C ASN A 128 35.60 -4.75 -12.17
N THR A 129 34.81 -5.80 -12.43
CA THR A 129 33.50 -5.70 -13.06
C THR A 129 32.33 -5.57 -12.08
N ALA A 130 32.63 -5.36 -10.82
CA ALA A 130 31.59 -5.19 -9.81
C ALA A 130 30.74 -3.93 -10.08
N TYR A 131 29.44 -4.02 -9.82
CA TYR A 131 28.58 -2.86 -9.82
C TYR A 131 29.28 -1.68 -9.14
N GLU A 132 29.27 -0.54 -9.82
CA GLU A 132 30.02 0.68 -9.42
C GLU A 132 29.84 1.09 -7.94
N PRO A 133 28.58 1.18 -7.46
CA PRO A 133 28.41 1.48 -6.03
C PRO A 133 29.04 0.43 -5.11
N SER A 134 29.21 -0.82 -5.56
CA SER A 134 29.89 -1.81 -4.72
C SER A 134 31.34 -1.43 -4.65
N GLN A 135 31.90 -0.98 -5.78
CA GLN A 135 33.30 -0.53 -5.79
C GLN A 135 33.49 0.71 -4.93
N ASP A 136 32.61 1.70 -5.11
CA ASP A 136 32.64 2.94 -4.32
C ASP A 136 32.54 2.72 -2.81
N PHE A 137 31.64 1.82 -2.40
CA PHE A 137 31.54 1.44 -0.96
C PHE A 137 32.94 1.08 -0.43
N CYS A 138 33.65 0.24 -1.20
CA CYS A 138 35.04 -0.12 -0.89
C CYS A 138 36.02 1.04 -0.86
N SER A 139 36.06 1.83 -1.93
CA SER A 139 37.09 2.82 -2.06
C SER A 139 36.83 4.07 -1.19
N LYS A 140 35.56 4.36 -0.94
CA LYS A 140 35.16 5.51 -0.12
C LYS A 140 34.77 5.26 1.36
N ILE A 141 34.26 4.09 1.66
CA ILE A 141 33.90 3.84 3.04
C ILE A 141 34.95 2.97 3.73
N LEU A 142 35.22 1.81 3.15
CA LEU A 142 36.17 0.89 3.78
C LEU A 142 37.57 1.46 3.98
N SER A 143 38.09 2.19 3.00
CA SER A 143 39.44 2.75 3.08
C SER A 143 39.62 3.66 4.30
N LYS A 144 38.56 4.35 4.72
CA LYS A 144 38.77 5.23 5.86
C LYS A 144 38.67 4.47 7.20
N LEU A 145 38.36 3.18 7.10
CA LEU A 145 38.21 2.31 8.27
C LEU A 145 39.36 1.31 8.36
N GLY A 146 40.43 1.61 7.63
CA GLY A 146 41.66 0.84 7.62
C GLY A 146 41.55 -0.50 6.94
N VAL A 147 40.64 -0.59 5.98
CA VAL A 147 40.47 -1.81 5.20
C VAL A 147 40.89 -1.47 3.75
N THR A 148 41.77 -2.26 3.14
CA THR A 148 42.20 -2.01 1.77
C THR A 148 41.45 -2.90 0.79
N THR A 149 41.35 -2.45 -0.44
CA THR A 149 40.69 -3.18 -1.48
C THR A 149 41.56 -3.19 -2.70
N SER A 150 41.62 -4.33 -3.38
CA SER A 150 42.23 -4.39 -4.69
C SER A 150 41.29 -5.22 -5.53
N TRP A 151 41.56 -5.27 -6.82
CA TRP A 151 40.61 -5.73 -7.83
C TRP A 151 41.25 -6.70 -8.80
N PHE A 152 40.45 -7.55 -9.41
CA PHE A 152 40.94 -8.54 -10.37
C PHE A 152 40.09 -8.60 -11.64
N ASP A 153 40.71 -9.08 -12.69
CA ASP A 153 40.04 -9.31 -13.96
C ASP A 153 39.06 -10.50 -13.80
N PRO A 154 37.83 -10.38 -14.35
CA PRO A 154 36.80 -11.41 -14.09
C PRO A 154 37.12 -12.80 -14.64
N LEU A 155 38.00 -12.85 -15.64
CA LEU A 155 38.39 -14.08 -16.35
C LEU A 155 39.70 -14.69 -15.76
N ILE A 156 40.08 -14.22 -14.59
CA ILE A 156 41.37 -14.59 -13.98
C ILE A 156 41.38 -16.05 -13.55
N GLY A 157 40.22 -16.58 -13.13
CA GLY A 157 40.11 -18.00 -12.71
C GLY A 157 41.10 -18.36 -11.60
N ALA A 158 41.84 -19.45 -11.80
CA ALA A 158 42.76 -20.02 -10.79
C ALA A 158 43.97 -19.10 -10.59
N ASP A 159 44.19 -18.21 -11.54
CA ASP A 159 45.28 -17.27 -11.38
C ASP A 159 45.02 -16.17 -10.36
N ILE A 160 43.83 -16.14 -9.77
CA ILE A 160 43.49 -15.16 -8.75
C ILE A 160 44.45 -15.28 -7.52
N VAL A 161 45.14 -16.40 -7.37
CA VAL A 161 46.15 -16.57 -6.29
C VAL A 161 47.19 -15.43 -6.22
N LYS A 162 47.63 -14.93 -7.38
CA LYS A 162 48.42 -13.66 -7.58
C LYS A 162 47.98 -12.54 -6.65
N HIS A 163 46.67 -12.36 -6.50
CA HIS A 163 46.09 -11.18 -5.83
C HIS A 163 45.70 -11.42 -4.37
N LEU A 164 45.76 -12.67 -3.92
CA LEU A 164 45.42 -13.04 -2.54
C LEU A 164 46.56 -12.68 -1.55
N GLN A 165 46.23 -11.93 -0.49
CA GLN A 165 47.15 -11.51 0.56
C GLN A 165 46.86 -12.36 1.82
N PRO A 166 47.81 -12.46 2.74
CA PRO A 166 47.54 -13.22 3.97
C PRO A 166 46.40 -12.60 4.78
N ASN A 167 46.15 -11.29 4.59
CA ASN A 167 45.03 -10.61 5.24
C ASN A 167 43.73 -10.49 4.40
N THR A 168 43.63 -11.28 3.34
CA THR A 168 42.40 -11.24 2.50
C THR A 168 41.27 -11.91 3.23
N LYS A 169 40.27 -11.09 3.57
CA LYS A 169 39.15 -11.54 4.35
C LYS A 169 37.95 -11.78 3.46
N ILE A 170 37.85 -11.03 2.39
CA ILE A 170 36.70 -11.11 1.49
C ILE A 170 37.17 -11.21 0.06
N VAL A 171 36.54 -12.14 -0.67
CA VAL A 171 36.68 -12.24 -2.11
C VAL A 171 35.28 -12.06 -2.68
N PHE A 172 35.09 -10.99 -3.45
CA PHE A 172 33.76 -10.57 -3.87
C PHE A 172 33.57 -10.75 -5.37
N LEU A 173 32.67 -11.64 -5.74
CA LEU A 173 32.46 -11.93 -7.18
C LEU A 173 31.17 -11.32 -7.67
N GLU A 174 31.05 -11.20 -8.99
CA GLU A 174 29.84 -10.76 -9.67
C GLU A 174 29.87 -11.40 -11.06
N SER A 175 29.01 -12.38 -11.27
CA SER A 175 29.03 -13.17 -12.49
C SER A 175 27.60 -13.33 -12.94
N PRO A 176 27.27 -12.86 -14.14
CA PRO A 176 28.09 -12.06 -15.09
C PRO A 176 28.41 -10.72 -14.50
N GLY A 177 29.44 -10.04 -15.04
CA GLY A 177 29.81 -8.71 -14.56
C GLY A 177 28.82 -7.58 -14.89
N SER A 178 28.80 -6.54 -14.06
CA SER A 178 27.99 -5.35 -14.37
C SER A 178 28.40 -4.74 -15.70
N ILE A 179 27.41 -4.52 -16.55
CA ILE A 179 27.61 -3.76 -17.82
C ILE A 179 28.25 -4.57 -18.97
N THR A 180 29.47 -5.06 -18.76
CA THR A 180 30.22 -5.79 -19.77
C THR A 180 29.96 -7.31 -19.72
N MET A 181 29.31 -7.79 -18.68
CA MET A 181 28.74 -9.14 -18.71
C MET A 181 29.72 -10.35 -18.71
N GLU A 182 31.00 -10.18 -18.36
CA GLU A 182 31.97 -11.28 -18.29
C GLU A 182 31.55 -12.25 -17.22
N VAL A 183 31.62 -13.55 -17.54
CA VAL A 183 31.23 -14.60 -16.59
C VAL A 183 32.50 -15.18 -15.97
N HIS A 184 32.53 -15.25 -14.64
CA HIS A 184 33.63 -15.85 -13.93
C HIS A 184 33.65 -17.38 -14.14
N ASP A 185 34.84 -17.98 -13.99
CA ASP A 185 34.99 -19.42 -13.69
C ASP A 185 34.96 -19.59 -12.17
N VAL A 186 33.74 -19.73 -11.62
CA VAL A 186 33.57 -19.72 -10.17
C VAL A 186 34.30 -20.91 -9.49
N PRO A 187 34.11 -22.14 -10.02
CA PRO A 187 34.81 -23.28 -9.41
C PRO A 187 36.35 -23.10 -9.33
N ALA A 188 36.96 -22.49 -10.35
CA ALA A 188 38.41 -22.29 -10.31
C ALA A 188 38.81 -21.23 -9.31
N ILE A 189 38.00 -20.18 -9.20
CA ILE A 189 38.30 -19.12 -8.25
C ILE A 189 38.16 -19.64 -6.84
N VAL A 190 37.06 -20.35 -6.58
CA VAL A 190 36.79 -20.90 -5.23
C VAL A 190 37.88 -21.85 -4.78
N ALA A 191 38.29 -22.77 -5.66
CA ALA A 191 39.31 -23.72 -5.30
C ALA A 191 40.60 -22.97 -4.95
N ALA A 192 40.93 -21.93 -5.73
CA ALA A 192 42.16 -21.17 -5.52
C ALA A 192 42.08 -20.45 -4.17
N VAL A 193 41.01 -19.69 -3.94
CA VAL A 193 40.80 -19.01 -2.68
C VAL A 193 40.91 -19.94 -1.47
N ARG A 194 40.17 -21.06 -1.49
CA ARG A 194 40.24 -22.05 -0.38
C ARG A 194 41.63 -22.59 -0.13
N SER A 195 42.44 -22.70 -1.17
CA SER A 195 43.73 -23.35 -1.00
C SER A 195 44.72 -22.38 -0.40
N VAL A 196 44.47 -21.08 -0.51
CA VAL A 196 45.41 -20.04 -0.06
C VAL A 196 44.88 -19.26 1.14
N VAL A 197 43.62 -18.84 1.13
CA VAL A 197 43.06 -18.18 2.30
C VAL A 197 41.77 -18.84 2.74
N PRO A 198 41.86 -20.01 3.41
CA PRO A 198 40.64 -20.72 3.82
C PRO A 198 39.69 -19.89 4.70
N ASP A 199 40.19 -18.93 5.45
CA ASP A 199 39.33 -18.12 6.30
C ASP A 199 38.53 -17.03 5.56
N ALA A 200 38.83 -16.81 4.28
CA ALA A 200 38.15 -15.79 3.51
C ALA A 200 36.68 -16.08 3.34
N ILE A 201 35.89 -15.03 3.30
CA ILE A 201 34.49 -15.16 3.01
C ILE A 201 34.32 -14.86 1.52
N ILE A 202 33.80 -15.82 0.77
CA ILE A 202 33.57 -15.60 -0.66
C ILE A 202 32.13 -15.16 -0.88
N MET A 203 31.95 -14.02 -1.54
CA MET A 203 30.63 -13.46 -1.70
C MET A 203 30.40 -13.26 -3.19
N ILE A 204 29.14 -13.35 -3.59
CA ILE A 204 28.78 -13.04 -4.98
C ILE A 204 27.55 -12.14 -5.05
N ASP A 205 27.59 -11.12 -5.90
CA ASP A 205 26.37 -10.47 -6.30
C ASP A 205 25.73 -11.30 -7.41
N ASN A 206 24.73 -12.08 -7.06
CA ASN A 206 24.12 -13.07 -7.94
C ASN A 206 22.75 -12.56 -8.47
N THR A 207 22.63 -11.24 -8.69
CA THR A 207 21.36 -10.65 -9.01
C THR A 207 20.92 -11.05 -10.46
N TRP A 208 21.87 -11.03 -11.40
CA TRP A 208 21.58 -11.37 -12.80
C TRP A 208 20.92 -12.74 -12.96
N ALA A 209 21.38 -13.70 -12.17
CA ALA A 209 20.85 -15.07 -12.14
C ALA A 209 19.55 -15.21 -11.28
N ALA A 210 19.10 -14.10 -10.69
CA ALA A 210 17.95 -14.04 -9.79
C ALA A 210 18.16 -15.07 -8.69
N GLY A 211 19.43 -15.34 -8.39
CA GLY A 211 19.74 -16.40 -7.43
C GLY A 211 19.47 -17.83 -7.87
N VAL A 212 18.60 -18.09 -8.85
CA VAL A 212 18.17 -19.48 -9.09
C VAL A 212 18.82 -20.04 -10.33
N LEU A 213 19.28 -19.18 -11.25
CA LEU A 213 19.95 -19.70 -12.45
C LEU A 213 21.43 -20.10 -12.22
N PHE A 214 21.98 -19.72 -11.07
CA PHE A 214 23.33 -20.09 -10.71
C PHE A 214 23.35 -20.30 -9.22
N LYS A 215 23.48 -21.56 -8.86
CA LYS A 215 23.33 -21.95 -7.46
C LYS A 215 24.61 -21.74 -6.65
N ALA A 216 24.89 -20.47 -6.37
CA ALA A 216 26.18 -20.00 -5.86
C ALA A 216 26.67 -20.82 -4.65
N LEU A 217 25.80 -21.06 -3.70
CA LEU A 217 26.19 -21.85 -2.47
C LEU A 217 26.61 -23.25 -2.81
N ASP A 218 26.06 -23.82 -3.88
CA ASP A 218 26.45 -25.19 -4.27
C ASP A 218 27.84 -25.19 -4.83
N PHE A 219 28.35 -24.03 -5.23
CA PHE A 219 29.73 -23.93 -5.73
C PHE A 219 30.76 -23.59 -4.66
N GLY A 220 30.37 -23.53 -3.41
CA GLY A 220 31.33 -23.26 -2.34
C GLY A 220 31.45 -21.76 -2.05
N ILE A 221 30.52 -20.97 -2.58
CA ILE A 221 30.46 -19.52 -2.23
C ILE A 221 29.75 -19.45 -0.89
N ASP A 222 30.19 -18.53 -0.04
CA ASP A 222 29.60 -18.37 1.28
C ASP A 222 28.32 -17.53 1.32
N VAL A 223 28.26 -16.42 0.59
CA VAL A 223 27.10 -15.58 0.71
C VAL A 223 26.66 -15.22 -0.71
N SER A 224 25.41 -15.48 -1.04
CA SER A 224 24.84 -15.05 -2.30
C SER A 224 23.95 -13.81 -2.12
N ILE A 225 24.30 -12.69 -2.76
CA ILE A 225 23.61 -11.44 -2.51
C ILE A 225 22.81 -11.08 -3.78
N GLN A 226 21.61 -10.52 -3.59
CA GLN A 226 20.76 -10.05 -4.66
C GLN A 226 20.25 -8.62 -4.42
N ALA A 227 20.27 -7.79 -5.47
CA ALA A 227 19.32 -6.73 -5.46
C ALA A 227 17.99 -7.37 -5.84
N ALA A 228 17.22 -7.77 -4.83
CA ALA A 228 15.91 -8.42 -5.02
C ALA A 228 14.96 -7.50 -5.74
N THR A 229 15.24 -6.21 -5.61
CA THR A 229 14.72 -5.16 -6.48
C THR A 229 14.54 -5.58 -7.95
N LYS A 230 15.50 -6.30 -8.51
CA LYS A 230 15.52 -6.71 -9.93
C LYS A 230 14.54 -7.80 -10.25
N TYR A 231 15.01 -9.02 -10.56
CA TYR A 231 14.10 -10.07 -11.01
C TYR A 231 13.17 -10.63 -9.95
N LEU A 232 13.57 -10.64 -8.68
CA LEU A 232 12.71 -11.25 -7.65
C LEU A 232 11.40 -10.46 -7.51
N VAL A 233 11.47 -9.16 -7.25
CA VAL A 233 10.32 -8.26 -7.41
C VAL A 233 9.69 -8.28 -8.81
N GLY A 234 10.49 -7.96 -9.84
CA GLY A 234 10.17 -8.23 -11.22
C GLY A 234 9.33 -7.13 -11.90
N HIS A 235 9.03 -6.06 -11.14
CA HIS A 235 8.09 -5.06 -11.60
C HIS A 235 8.54 -3.61 -11.42
N SER A 236 9.80 -3.37 -11.03
CA SER A 236 10.41 -2.03 -10.91
C SER A 236 9.73 -1.10 -9.88
N ASP A 237 9.16 -1.66 -8.82
CA ASP A 237 8.41 -0.88 -7.85
C ASP A 237 8.62 -1.18 -6.38
N ALA A 238 9.53 -2.06 -6.07
CA ALA A 238 9.88 -2.30 -4.68
C ALA A 238 11.38 -2.52 -4.61
N MET A 239 12.01 -2.05 -3.53
CA MET A 239 13.46 -2.13 -3.38
C MET A 239 13.72 -2.97 -2.14
N ILE A 240 14.72 -3.86 -2.24
CA ILE A 240 15.01 -4.89 -1.18
C ILE A 240 16.31 -5.58 -1.59
N GLY A 241 17.19 -5.84 -0.61
CA GLY A 241 18.38 -6.64 -0.91
C GLY A 241 18.24 -7.89 -0.05
N THR A 242 18.83 -8.98 -0.52
CA THR A 242 18.85 -10.29 0.26
C THR A 242 20.29 -10.79 0.26
N ALA A 243 20.66 -11.51 1.32
CA ALA A 243 21.95 -12.18 1.37
C ALA A 243 21.64 -13.56 1.89
N VAL A 244 21.65 -14.59 1.05
CA VAL A 244 21.53 -15.97 1.54
C VAL A 244 22.90 -16.51 1.92
N CYS A 245 23.00 -17.10 3.11
CA CYS A 245 24.31 -17.44 3.68
C CYS A 245 24.31 -18.90 3.93
N ASN A 246 25.47 -19.53 3.81
CA ASN A 246 25.64 -20.88 4.33
C ASN A 246 25.69 -20.85 5.85
N ALA A 247 25.75 -22.02 6.48
CA ALA A 247 25.78 -22.15 7.93
C ALA A 247 27.03 -21.56 8.57
N ARG A 248 28.16 -21.67 7.90
CA ARG A 248 29.43 -21.10 8.35
C ARG A 248 29.30 -19.60 8.66
N CYS A 249 28.60 -18.88 7.79
CA CYS A 249 28.60 -17.40 7.80
C CYS A 249 27.30 -16.73 8.26
N TRP A 250 26.22 -17.47 8.36
CA TRP A 250 24.90 -16.89 8.62
C TRP A 250 24.83 -16.06 9.91
N GLU A 251 25.30 -16.61 11.01
CA GLU A 251 25.15 -15.92 12.27
C GLU A 251 25.85 -14.54 12.31
N GLN A 252 27.06 -14.48 11.76
CA GLN A 252 27.88 -13.28 11.81
C GLN A 252 27.22 -12.23 10.96
N LEU A 253 26.81 -12.63 9.76
CA LEU A 253 26.21 -11.67 8.84
C LEU A 253 24.91 -11.15 9.45
N ARG A 254 24.10 -12.07 9.97
CA ARG A 254 22.80 -11.74 10.55
C ARG A 254 22.92 -10.80 11.74
N GLU A 255 23.73 -11.18 12.72
CA GLU A 255 23.93 -10.35 13.91
C GLU A 255 24.61 -9.02 13.61
N ASN A 256 25.63 -8.98 12.74
CA ASN A 256 26.26 -7.67 12.42
C ASN A 256 25.42 -6.74 11.58
N ALA A 257 24.67 -7.33 10.65
CA ALA A 257 23.71 -6.55 9.91
C ALA A 257 22.65 -5.99 10.86
N TYR A 258 22.20 -6.79 11.82
CA TYR A 258 21.24 -6.29 12.79
C TYR A 258 21.77 -5.06 13.59
N LEU A 259 23.04 -5.13 13.98
CA LEU A 259 23.66 -4.05 14.78
C LEU A 259 23.72 -2.75 13.94
N MET A 260 23.58 -2.92 12.63
CA MET A 260 23.54 -1.77 11.65
C MET A 260 22.09 -1.37 11.39
N GLY A 261 21.16 -2.04 12.07
CA GLY A 261 19.73 -1.81 11.95
C GLY A 261 19.12 -2.16 10.59
N GLN A 262 19.71 -3.11 9.86
CA GLN A 262 19.23 -3.50 8.54
C GLN A 262 18.02 -4.38 8.56
N MET A 263 17.04 -3.95 7.80
CA MET A 263 15.79 -4.62 7.65
C MET A 263 15.08 -4.12 6.45
N VAL A 264 13.96 -4.77 6.15
CA VAL A 264 13.10 -4.33 5.04
C VAL A 264 11.67 -4.34 5.58
N ASP A 265 10.82 -3.50 5.03
CA ASP A 265 9.43 -3.42 5.51
C ASP A 265 8.64 -4.67 5.11
N ALA A 266 7.65 -4.99 5.92
CA ALA A 266 6.81 -6.18 5.74
C ALA A 266 6.12 -6.24 4.38
N ASP A 267 5.61 -5.11 3.91
CA ASP A 267 4.91 -5.13 2.64
C ASP A 267 5.84 -5.48 1.46
N THR A 268 7.05 -4.89 1.45
CA THR A 268 8.10 -5.22 0.47
C THR A 268 8.50 -6.69 0.54
N ALA A 269 8.63 -7.25 1.74
CA ALA A 269 8.84 -8.70 1.85
C ALA A 269 7.71 -9.48 1.17
N TYR A 270 6.47 -9.13 1.49
CA TYR A 270 5.33 -9.72 0.81
C TYR A 270 5.42 -9.66 -0.72
N ILE A 271 5.69 -8.47 -1.26
CA ILE A 271 5.73 -8.33 -2.66
C ILE A 271 6.89 -9.12 -3.30
N THR A 272 8.02 -9.26 -2.61
CA THR A 272 9.15 -10.03 -3.12
C THR A 272 8.77 -11.51 -3.17
N SER A 273 8.18 -11.96 -2.10
CA SER A 273 7.63 -13.38 -2.05
C SER A 273 6.70 -13.61 -3.25
N ARG A 274 5.78 -12.67 -3.45
CA ARG A 274 4.82 -12.69 -4.57
C ARG A 274 5.50 -12.71 -5.96
N GLY A 275 6.59 -11.95 -6.09
CA GLY A 275 7.40 -11.96 -7.31
C GLY A 275 7.96 -13.32 -7.69
N LEU A 276 8.35 -14.07 -6.66
CA LEU A 276 8.92 -15.36 -6.91
C LEU A 276 7.95 -16.23 -7.68
N ARG A 277 6.65 -16.01 -7.47
CA ARG A 277 5.66 -16.93 -8.05
C ARG A 277 5.68 -16.94 -9.57
N THR A 278 6.06 -15.83 -10.17
CA THR A 278 6.08 -15.75 -11.62
C THR A 278 7.52 -15.69 -12.15
N LEU A 279 8.48 -15.92 -11.27
CA LEU A 279 9.88 -15.79 -11.61
C LEU A 279 10.29 -16.72 -12.76
N GLY A 280 9.75 -17.93 -12.75
CA GLY A 280 10.12 -18.88 -13.77
C GLY A 280 9.55 -18.56 -15.13
N VAL A 281 8.27 -18.21 -15.21
CA VAL A 281 7.66 -17.89 -16.49
C VAL A 281 8.31 -16.59 -17.01
N ARG A 282 8.64 -15.66 -16.09
CA ARG A 282 9.34 -14.45 -16.49
C ARG A 282 10.75 -14.76 -17.03
N LEU A 283 11.61 -15.41 -16.22
CA LEU A 283 12.99 -15.63 -16.64
C LEU A 283 13.04 -16.37 -17.98
N ARG A 284 12.12 -17.32 -18.22
CA ARG A 284 12.13 -18.08 -19.49
C ARG A 284 11.88 -17.16 -20.68
N GLN A 285 10.95 -16.24 -20.54
CA GLN A 285 10.75 -15.23 -21.57
C GLN A 285 11.95 -14.26 -21.72
N HIS A 286 12.49 -13.75 -20.62
CA HIS A 286 13.66 -12.87 -20.75
C HIS A 286 14.82 -13.60 -21.46
N HIS A 287 15.03 -14.89 -21.14
CA HIS A 287 16.06 -15.68 -21.79
C HIS A 287 15.81 -15.80 -23.30
N GLU A 288 14.60 -16.24 -23.65
CA GLU A 288 14.29 -16.56 -25.03
C GLU A 288 14.39 -15.26 -25.89
N SER A 289 13.79 -14.18 -25.39
CA SER A 289 13.78 -12.91 -26.13
C SER A 289 15.17 -12.28 -26.22
N SER A 290 15.90 -12.20 -25.10
CA SER A 290 17.20 -11.54 -25.11
C SER A 290 18.19 -12.30 -25.97
N LEU A 291 18.13 -13.63 -25.95
CA LEU A 291 19.04 -14.36 -26.82
C LEU A 291 18.76 -14.11 -28.29
N LYS A 292 17.47 -14.04 -28.65
CA LYS A 292 17.11 -13.77 -30.05
C LYS A 292 17.60 -12.38 -30.48
N VAL A 293 17.44 -11.36 -29.64
CA VAL A 293 17.93 -10.00 -29.95
C VAL A 293 19.46 -10.02 -30.10
N ALA A 294 20.11 -10.75 -29.21
CA ALA A 294 21.55 -10.83 -29.19
C ALA A 294 22.04 -11.50 -30.46
N GLU A 295 21.38 -12.55 -30.90
CA GLU A 295 21.82 -13.24 -32.10
C GLU A 295 21.71 -12.34 -33.33
N TRP A 296 20.60 -11.62 -33.41
CA TRP A 296 20.36 -10.59 -34.42
C TRP A 296 21.43 -9.45 -34.40
N LEU A 297 21.74 -8.90 -33.23
CA LEU A 297 22.73 -7.85 -33.07
C LEU A 297 24.12 -8.30 -33.50
N ALA A 298 24.46 -9.54 -33.19
CA ALA A 298 25.79 -10.05 -33.45
C ALA A 298 26.07 -10.13 -34.96
N GLU A 299 25.02 -10.11 -35.76
CA GLU A 299 25.10 -10.25 -37.19
C GLU A 299 24.85 -8.86 -37.84
N HIS A 300 24.54 -7.84 -37.03
CA HIS A 300 24.22 -6.52 -37.54
C HIS A 300 25.46 -5.73 -38.04
N PRO A 301 25.38 -5.17 -39.27
CA PRO A 301 26.53 -4.43 -39.74
C PRO A 301 27.03 -3.29 -38.84
N GLN A 302 26.19 -2.76 -37.97
CA GLN A 302 26.51 -1.53 -37.20
C GLN A 302 27.02 -1.85 -35.79
N VAL A 303 27.18 -3.14 -35.55
CA VAL A 303 27.48 -3.69 -34.22
C VAL A 303 28.87 -4.33 -34.25
N ALA A 304 29.72 -3.99 -33.27
CA ALA A 304 31.09 -4.53 -33.14
C ALA A 304 31.18 -5.87 -32.41
N ARG A 305 30.42 -5.97 -31.31
CA ARG A 305 30.45 -7.14 -30.39
C ARG A 305 29.19 -7.15 -29.58
N VAL A 306 28.80 -8.32 -29.09
CA VAL A 306 27.64 -8.46 -28.22
C VAL A 306 28.14 -9.21 -27.01
N ASN A 307 27.80 -8.71 -25.81
CA ASN A 307 28.16 -9.34 -24.52
C ASN A 307 26.90 -9.93 -23.97
N HIS A 308 26.64 -11.17 -24.32
CA HIS A 308 25.52 -11.87 -23.74
C HIS A 308 26.03 -13.25 -23.26
N PRO A 309 25.96 -13.52 -21.94
CA PRO A 309 26.50 -14.80 -21.39
C PRO A 309 26.03 -16.03 -22.15
N ALA A 310 24.82 -16.00 -22.69
CA ALA A 310 24.22 -17.16 -23.40
C ALA A 310 24.70 -17.30 -24.83
N LEU A 311 25.34 -16.26 -25.33
CA LEU A 311 25.74 -16.25 -26.72
C LEU A 311 27.14 -16.86 -26.86
N PRO A 312 27.26 -17.89 -27.71
CA PRO A 312 28.59 -18.43 -28.07
C PRO A 312 29.62 -17.35 -28.42
N GLY A 313 30.80 -17.39 -27.83
CA GLY A 313 31.83 -16.40 -28.11
C GLY A 313 31.90 -15.25 -27.13
N SER A 314 30.85 -15.01 -26.36
CA SER A 314 30.88 -13.99 -25.33
C SER A 314 31.82 -14.39 -24.15
N LYS A 315 32.46 -13.39 -23.54
CA LYS A 315 33.46 -13.62 -22.51
C LYS A 315 32.91 -14.46 -21.36
N GLY A 316 33.46 -15.63 -21.19
CA GLY A 316 33.01 -16.57 -20.15
C GLY A 316 31.79 -17.39 -20.51
N HIS A 317 31.36 -17.34 -21.77
CA HIS A 317 30.19 -18.13 -22.17
C HIS A 317 30.34 -19.62 -21.80
N GLU A 318 31.56 -20.13 -21.95
CA GLU A 318 31.80 -21.52 -21.57
C GLU A 318 31.43 -21.81 -20.12
N PHE A 319 31.67 -20.84 -19.23
CA PHE A 319 31.34 -20.98 -17.82
C PHE A 319 29.83 -20.91 -17.59
N TRP A 320 29.19 -20.00 -18.30
CA TRP A 320 27.74 -19.86 -18.23
C TRP A 320 27.10 -21.19 -18.66
N LYS A 321 27.57 -21.74 -19.77
CA LYS A 321 26.98 -22.94 -20.33
C LYS A 321 27.16 -24.09 -19.34
N ARG A 322 28.32 -24.14 -18.66
CA ARG A 322 28.63 -25.22 -17.73
C ARG A 322 27.92 -25.06 -16.35
N ASP A 323 27.82 -23.84 -15.85
CA ASP A 323 27.46 -23.57 -14.47
C ASP A 323 26.06 -23.03 -14.24
N PHE A 324 25.43 -22.49 -15.26
CA PHE A 324 24.11 -21.90 -15.10
C PHE A 324 23.02 -22.80 -15.67
N THR A 325 21.80 -22.64 -15.18
CA THR A 325 20.69 -23.38 -15.75
C THR A 325 19.77 -22.50 -16.59
N GLY A 326 20.22 -21.30 -16.91
CA GLY A 326 19.38 -20.44 -17.66
C GLY A 326 20.03 -19.09 -17.80
N SER A 327 19.32 -18.20 -18.47
CA SER A 327 19.78 -16.84 -18.67
C SER A 327 18.66 -15.88 -18.25
N SER A 328 19.02 -14.66 -17.90
CA SER A 328 18.01 -13.64 -17.72
C SER A 328 18.01 -12.75 -18.97
N GLY A 329 17.59 -11.51 -18.85
CA GLY A 329 17.38 -10.65 -20.05
C GLY A 329 18.22 -9.40 -20.15
N LEU A 330 19.20 -9.26 -19.25
CA LEU A 330 20.12 -8.14 -19.26
C LEU A 330 21.43 -8.48 -20.01
N PHE A 331 21.81 -7.65 -20.98
CA PHE A 331 23.09 -7.86 -21.66
C PHE A 331 23.50 -6.51 -22.32
N SER A 332 24.59 -6.51 -23.06
CA SER A 332 25.09 -5.29 -23.72
C SER A 332 25.72 -5.61 -25.05
N PHE A 333 25.92 -4.58 -25.87
CA PHE A 333 26.61 -4.75 -27.12
C PHE A 333 27.37 -3.45 -27.38
N VAL A 334 28.33 -3.53 -28.26
CA VAL A 334 29.21 -2.43 -28.57
C VAL A 334 28.96 -2.00 -30.04
N LEU A 335 28.62 -0.73 -30.24
CA LEU A 335 28.47 -0.16 -31.55
C LEU A 335 29.82 -0.08 -32.25
N LYS A 336 29.81 -0.13 -33.60
CA LYS A 336 31.05 0.00 -34.35
C LYS A 336 31.56 1.40 -34.14
N LYS A 337 30.65 2.38 -34.11
CA LYS A 337 31.09 3.71 -33.77
C LYS A 337 31.00 4.15 -32.30
N LYS A 338 31.85 5.12 -31.98
CA LYS A 338 31.77 5.87 -30.77
C LYS A 338 30.89 7.06 -31.06
N LEU A 339 29.66 7.05 -30.53
CA LEU A 339 28.70 8.10 -30.88
C LEU A 339 29.14 9.43 -30.28
N ASN A 340 28.97 10.53 -31.02
CA ASN A 340 29.16 11.82 -30.39
C ASN A 340 27.83 12.20 -29.75
N ASN A 341 27.81 13.29 -28.99
CA ASN A 341 26.63 13.74 -28.26
C ASN A 341 25.38 13.96 -29.08
N GLU A 342 25.55 14.56 -30.26
CA GLU A 342 24.40 14.71 -31.12
C GLU A 342 23.80 13.34 -31.50
N GLU A 343 24.66 12.44 -31.97
CA GLU A 343 24.27 11.06 -32.32
C GLU A 343 23.68 10.30 -31.14
N LEU A 344 24.34 10.36 -30.00
CA LEU A 344 23.79 9.78 -28.76
C LEU A 344 22.33 10.15 -28.53
N ALA A 345 22.06 11.44 -28.68
CA ALA A 345 20.73 11.99 -28.46
C ALA A 345 19.75 11.51 -29.52
N ASN A 346 20.16 11.55 -30.76
CA ASN A 346 19.31 11.08 -31.84
C ASN A 346 18.93 9.61 -31.67
N TYR A 347 19.92 8.82 -31.24
CA TYR A 347 19.71 7.41 -30.98
C TYR A 347 18.73 7.19 -29.80
N LEU A 348 19.14 7.60 -28.61
CA LEU A 348 18.38 7.35 -27.38
C LEU A 348 17.09 8.11 -27.21
N ASP A 349 17.00 9.36 -27.65
CA ASP A 349 15.78 10.14 -27.43
C ASP A 349 14.58 9.69 -28.28
N ASN A 350 14.82 8.87 -29.29
CA ASN A 350 13.74 8.56 -30.20
C ASN A 350 13.18 7.13 -30.22
N PHE A 351 13.48 6.34 -29.19
CA PHE A 351 12.94 4.97 -29.04
C PHE A 351 11.46 5.02 -28.67
N SER A 352 10.69 4.03 -29.15
CA SER A 352 9.25 3.96 -28.92
C SER A 352 8.92 3.02 -27.80
N LEU A 353 9.82 2.09 -27.57
CA LEU A 353 9.53 0.99 -26.68
C LEU A 353 10.53 0.87 -25.57
N PHE A 354 11.82 0.99 -25.90
CA PHE A 354 12.85 0.98 -24.88
C PHE A 354 12.81 2.30 -24.17
N SER A 355 12.94 2.31 -22.86
CA SER A 355 12.99 3.52 -22.04
C SER A 355 14.36 3.68 -21.44
N MET A 356 14.78 4.91 -21.19
CA MET A 356 16.00 5.15 -20.43
C MET A 356 15.75 5.19 -18.91
N ALA A 357 16.49 4.37 -18.17
CA ALA A 357 16.41 4.34 -16.74
C ALA A 357 17.47 3.38 -16.16
N TYR A 358 17.76 3.58 -14.88
CA TYR A 358 18.66 2.72 -14.16
C TYR A 358 17.84 1.56 -13.60
N SER A 359 18.52 0.57 -13.03
CA SER A 359 17.92 -0.72 -12.62
C SER A 359 17.50 -1.55 -13.86
N TRP A 360 16.90 -2.70 -13.65
CA TRP A 360 16.57 -3.64 -14.73
C TRP A 360 15.85 -4.76 -14.00
N GLY A 361 15.48 -5.81 -14.73
CA GLY A 361 14.84 -6.96 -14.12
C GLY A 361 13.33 -6.84 -14.01
N GLY A 362 12.75 -5.82 -14.66
CA GLY A 362 11.31 -5.67 -14.63
C GLY A 362 10.67 -6.20 -15.91
N TYR A 363 9.42 -5.83 -16.15
CA TYR A 363 8.68 -6.42 -17.24
C TYR A 363 8.92 -5.61 -18.49
N GLU A 364 9.53 -4.48 -18.32
CA GLU A 364 9.69 -3.59 -19.46
C GLU A 364 11.15 -3.52 -19.88
N SER A 365 11.39 -3.11 -21.14
CA SER A 365 12.70 -3.10 -21.75
C SER A 365 13.34 -1.73 -21.57
N LEU A 366 14.64 -1.73 -21.29
CA LEU A 366 15.38 -0.51 -20.96
C LEU A 366 16.65 -0.45 -21.80
N ILE A 367 17.13 0.79 -21.96
CA ILE A 367 18.35 1.05 -22.67
C ILE A 367 19.18 2.13 -21.95
N LEU A 368 20.49 1.91 -21.96
CA LEU A 368 21.44 2.85 -21.41
C LEU A 368 22.71 2.79 -22.24
N ALA A 369 23.38 3.91 -22.29
CA ALA A 369 24.61 3.96 -22.99
C ALA A 369 25.76 4.28 -22.04
N ASN A 370 26.91 3.70 -22.31
CA ASN A 370 28.14 4.06 -21.64
C ASN A 370 29.22 4.24 -22.69
N GLN A 371 29.94 5.35 -22.59
CA GLN A 371 31.07 5.58 -23.45
C GLN A 371 32.26 4.82 -22.87
N PRO A 372 33.20 4.39 -23.75
CA PRO A 372 34.33 3.59 -23.24
C PRO A 372 35.13 4.27 -22.11
N GLU A 373 35.28 5.60 -22.15
CA GLU A 373 35.91 6.40 -21.09
C GLU A 373 35.23 6.19 -19.76
N HIS A 374 33.89 6.20 -19.75
CA HIS A 374 33.13 6.01 -18.52
C HIS A 374 33.48 4.62 -17.96
N ILE A 375 33.47 3.61 -18.83
CA ILE A 375 33.76 2.25 -18.39
C ILE A 375 35.21 2.12 -17.93
N ALA A 376 36.13 2.74 -18.67
CA ALA A 376 37.55 2.72 -18.27
C ALA A 376 37.76 3.25 -16.79
N ALA A 377 36.83 4.06 -16.33
CA ALA A 377 37.01 4.70 -15.04
C ALA A 377 36.54 3.83 -13.91
N ILE A 378 35.79 2.77 -14.26
CA ILE A 378 35.22 1.85 -13.25
C ILE A 378 35.73 0.41 -13.50
N ARG A 379 36.92 0.30 -14.07
CA ARG A 379 37.58 -0.98 -14.21
C ARG A 379 38.94 -0.95 -13.54
N PRO A 380 38.96 -0.82 -12.19
CA PRO A 380 40.24 -0.65 -11.50
C PRO A 380 41.16 -1.82 -11.78
N GLN A 381 42.43 -1.51 -12.05
CA GLN A 381 43.46 -2.49 -12.39
C GLN A 381 43.13 -3.29 -13.58
N GLY A 382 42.22 -2.82 -14.41
CA GLY A 382 41.89 -3.45 -15.65
C GLY A 382 42.12 -2.52 -16.81
N GLU A 383 41.95 -3.07 -18.00
CA GLU A 383 42.10 -2.36 -19.27
C GLU A 383 40.85 -2.69 -20.11
N ILE A 384 40.17 -1.66 -20.62
CA ILE A 384 38.97 -1.82 -21.50
C ILE A 384 39.42 -2.40 -22.86
N ASP A 385 38.58 -3.14 -23.57
CA ASP A 385 39.08 -3.63 -24.88
C ASP A 385 38.16 -3.34 -26.06
N PHE A 386 37.35 -2.29 -25.92
CA PHE A 386 36.46 -1.91 -27.00
C PHE A 386 36.61 -0.39 -27.17
N SER A 387 36.23 0.11 -28.33
CA SER A 387 36.25 1.55 -28.53
C SER A 387 34.95 2.23 -28.96
N GLY A 388 33.92 1.47 -29.34
CA GLY A 388 32.63 2.05 -29.62
C GLY A 388 31.75 2.30 -28.41
N THR A 389 30.61 2.97 -28.64
CA THR A 389 29.71 3.24 -27.54
C THR A 389 29.15 1.91 -27.10
N LEU A 390 29.14 1.67 -25.79
CA LEU A 390 28.47 0.48 -25.30
C LEU A 390 27.00 0.75 -24.91
N ILE A 391 26.11 -0.11 -25.45
CA ILE A 391 24.69 -0.02 -25.20
C ILE A 391 24.28 -1.21 -24.28
N ARG A 392 23.73 -0.90 -23.12
CA ARG A 392 23.21 -1.97 -22.26
C ARG A 392 21.70 -2.07 -22.46
N LEU A 393 21.21 -3.29 -22.75
CA LEU A 393 19.79 -3.51 -22.93
C LEU A 393 19.22 -4.38 -21.81
N HIS A 394 18.06 -4.02 -21.30
CA HIS A 394 17.29 -5.00 -20.53
C HIS A 394 16.12 -5.38 -21.39
N ILE A 395 16.00 -6.66 -21.72
CA ILE A 395 14.91 -7.13 -22.56
C ILE A 395 13.77 -7.58 -21.65
N GLY A 396 12.64 -6.90 -21.69
CA GLY A 396 11.52 -7.17 -20.80
C GLY A 396 10.61 -8.19 -21.47
N LEU A 397 9.31 -8.05 -21.23
CA LEU A 397 8.34 -8.99 -21.72
C LEU A 397 7.53 -8.59 -22.95
N GLU A 398 7.88 -7.47 -23.61
CA GLU A 398 7.22 -7.04 -24.82
C GLU A 398 7.46 -8.04 -25.91
N ASP A 399 6.69 -8.01 -26.99
CA ASP A 399 6.96 -8.90 -28.11
C ASP A 399 8.39 -8.68 -28.64
N VAL A 400 9.16 -9.76 -28.77
CA VAL A 400 10.59 -9.59 -29.13
C VAL A 400 10.79 -8.95 -30.52
N ASP A 401 9.87 -9.19 -31.43
CA ASP A 401 9.97 -8.60 -32.78
C ASP A 401 9.67 -7.10 -32.76
N ASP A 402 8.78 -6.68 -31.87
CA ASP A 402 8.53 -5.25 -31.65
C ASP A 402 9.83 -4.54 -31.17
N LEU A 403 10.53 -5.22 -30.27
CA LEU A 403 11.74 -4.72 -29.66
C LEU A 403 12.85 -4.69 -30.70
N ILE A 404 12.98 -5.77 -31.49
CA ILE A 404 13.90 -5.71 -32.67
C ILE A 404 13.62 -4.57 -33.63
N ALA A 405 12.33 -4.40 -33.98
CA ALA A 405 11.90 -3.26 -34.78
C ALA A 405 12.38 -1.94 -34.21
N ASP A 406 12.27 -1.78 -32.91
CA ASP A 406 12.63 -0.54 -32.24
C ASP A 406 14.15 -0.30 -32.35
N LEU A 407 14.94 -1.36 -32.12
CA LEU A 407 16.40 -1.26 -32.27
C LEU A 407 16.82 -0.99 -33.70
N ASP A 408 16.19 -1.69 -34.67
CA ASP A 408 16.46 -1.44 -36.09
C ASP A 408 16.17 -0.01 -36.45
N ALA A 409 15.11 0.59 -35.93
CA ALA A 409 14.85 2.01 -36.21
C ALA A 409 15.93 2.91 -35.58
N GLY A 410 16.38 2.53 -34.40
CA GLY A 410 17.51 3.20 -33.75
C GLY A 410 18.78 3.13 -34.58
N PHE A 411 19.12 1.97 -35.15
CA PHE A 411 20.30 1.89 -36.01
C PHE A 411 20.23 2.79 -37.23
N ALA A 412 19.03 2.92 -37.79
CA ALA A 412 18.82 3.89 -38.88
C ALA A 412 19.14 5.36 -38.51
N ARG A 413 18.94 5.73 -37.25
CA ARG A 413 19.16 7.08 -36.78
C ARG A 413 20.65 7.38 -36.60
N ILE A 414 21.54 6.40 -36.70
CA ILE A 414 22.96 6.64 -36.44
C ILE A 414 23.90 6.15 -37.56
N VAL A 415 23.36 5.75 -38.71
CA VAL A 415 24.18 5.14 -39.79
C VAL A 415 25.12 6.19 -40.35
N LYS B 24 -13.33 1.11 29.91
CA LYS B 24 -14.78 1.07 29.58
C LYS B 24 -15.21 2.42 28.97
N LYS B 25 -14.35 3.43 29.15
CA LYS B 25 -14.61 4.73 28.53
C LYS B 25 -14.34 4.62 27.03
N LEU B 26 -14.88 5.57 26.26
CA LEU B 26 -14.77 5.50 24.81
C LEU B 26 -13.32 5.43 24.31
N ASP B 27 -12.43 6.22 24.89
CA ASP B 27 -11.01 6.17 24.48
C ASP B 27 -10.39 4.80 24.64
N THR B 28 -10.72 4.10 25.72
CA THR B 28 -10.17 2.78 25.90
C THR B 28 -10.78 1.81 24.89
N GLN B 29 -12.10 1.91 24.70
CA GLN B 29 -12.79 1.16 23.68
C GLN B 29 -12.18 1.33 22.31
N LEU B 30 -11.98 2.59 21.90
CA LEU B 30 -11.39 2.88 20.61
C LEU B 30 -10.00 2.27 20.36
N VAL B 31 -9.13 2.35 21.36
CA VAL B 31 -7.82 1.75 21.29
C VAL B 31 -7.90 0.21 21.14
N ASN B 32 -8.83 -0.42 21.86
CA ASN B 32 -8.92 -1.85 21.85
C ASN B 32 -9.91 -2.52 20.91
N ALA B 33 -10.83 -1.76 20.34
CA ALA B 33 -11.88 -2.36 19.52
C ALA B 33 -11.37 -3.24 18.35
N GLY B 34 -11.73 -4.52 18.39
CA GLY B 34 -11.41 -5.44 17.30
C GLY B 34 -10.05 -6.08 17.44
N ARG B 35 -9.31 -5.70 18.48
CA ARG B 35 -7.90 -6.13 18.60
C ARG B 35 -7.72 -7.39 19.43
N SER B 36 -8.51 -8.42 19.13
CA SER B 36 -8.30 -9.71 19.79
C SER B 36 -7.14 -10.42 19.13
N LYS B 37 -6.53 -11.32 19.89
CA LYS B 37 -5.30 -11.97 19.46
C LYS B 37 -5.50 -12.81 18.22
N LYS B 38 -6.72 -13.27 17.95
CA LYS B 38 -6.93 -14.09 16.78
C LYS B 38 -6.85 -13.23 15.53
N TYR B 39 -6.93 -11.92 15.72
CA TYR B 39 -6.78 -11.00 14.59
C TYR B 39 -5.42 -10.27 14.47
N THR B 40 -4.79 -10.03 15.62
CA THR B 40 -3.49 -9.38 15.70
C THR B 40 -2.31 -10.39 15.60
N LEU B 41 -2.47 -11.62 16.09
CA LEU B 41 -1.44 -12.66 15.92
C LEU B 41 -0.06 -12.25 16.44
N GLY B 42 -0.05 -11.43 17.50
CA GLY B 42 1.23 -11.00 18.09
C GLY B 42 1.55 -9.54 17.91
N ALA B 43 0.91 -8.93 16.92
CA ALA B 43 1.18 -7.54 16.59
C ALA B 43 0.23 -6.67 17.41
N VAL B 44 0.36 -5.36 17.32
CA VAL B 44 -0.58 -4.48 18.01
C VAL B 44 -1.83 -4.34 17.15
N ASN B 45 -1.64 -4.13 15.84
CA ASN B 45 -2.76 -3.97 14.93
C ASN B 45 -3.20 -5.30 14.34
N SER B 46 -4.43 -5.41 13.82
CA SER B 46 -4.80 -6.65 13.07
C SER B 46 -3.81 -6.93 11.93
N VAL B 47 -3.60 -8.21 11.60
CA VAL B 47 -2.87 -8.57 10.36
C VAL B 47 -3.62 -8.12 9.14
N ILE B 48 -2.87 -7.94 8.06
CA ILE B 48 -3.49 -7.65 6.77
C ILE B 48 -3.48 -8.92 5.96
N GLN B 49 -4.64 -9.56 5.88
CA GLN B 49 -4.78 -10.77 5.08
C GLN B 49 -5.42 -10.45 3.72
N ARG B 50 -4.57 -10.38 2.69
CA ARG B 50 -5.02 -10.15 1.30
C ARG B 50 -5.37 -11.53 0.74
N ALA B 51 -6.59 -11.69 0.24
CA ALA B 51 -6.99 -12.99 -0.31
C ALA B 51 -8.29 -12.88 -1.08
N SER B 52 -8.36 -13.66 -2.15
CA SER B 52 -9.64 -14.01 -2.73
C SER B 52 -9.84 -15.46 -2.27
N SER B 53 -9.13 -16.44 -2.85
CA SER B 53 -9.17 -17.86 -2.39
C SER B 53 -8.82 -17.95 -0.91
N LEU B 54 -9.60 -18.73 -0.17
CA LEU B 54 -9.17 -19.16 1.15
C LEU B 54 -9.18 -20.69 1.10
N VAL B 55 -8.10 -21.29 1.58
CA VAL B 55 -7.80 -22.70 1.35
C VAL B 55 -8.43 -23.55 2.45
N PHE B 56 -9.07 -24.64 2.05
CA PHE B 56 -9.60 -25.64 2.98
C PHE B 56 -8.65 -26.83 3.01
N ASP B 57 -8.24 -27.27 4.20
CA ASP B 57 -7.30 -28.38 4.27
C ASP B 57 -7.93 -29.74 4.06
N SER B 58 -9.27 -29.80 4.16
CA SER B 58 -9.98 -31.06 4.01
C SER B 58 -11.44 -30.79 3.69
N VAL B 59 -12.12 -31.84 3.24
CA VAL B 59 -13.54 -31.79 2.97
C VAL B 59 -14.34 -31.37 4.23
N GLU B 60 -13.93 -31.93 5.35
CA GLU B 60 -14.55 -31.61 6.63
C GLU B 60 -14.36 -30.14 6.99
N ALA B 61 -13.13 -29.65 6.88
CA ALA B 61 -12.84 -28.20 7.04
C ALA B 61 -13.64 -27.32 6.07
N LYS B 62 -13.75 -27.74 4.82
CA LYS B 62 -14.54 -26.98 3.82
C LYS B 62 -16.02 -26.91 4.22
N LYS B 63 -16.52 -28.02 4.76
CA LYS B 63 -17.92 -28.13 5.15
C LYS B 63 -18.25 -27.27 6.38
N HIS B 64 -17.37 -27.31 7.37
CA HIS B 64 -17.40 -26.40 8.52
C HIS B 64 -17.33 -24.89 8.16
N ALA B 65 -16.45 -24.52 7.22
CA ALA B 65 -16.32 -23.12 6.74
C ALA B 65 -17.57 -22.65 5.97
N THR B 66 -18.14 -23.56 5.16
CA THR B 66 -19.40 -23.30 4.47
C THR B 66 -20.51 -22.96 5.47
N ARG B 67 -20.69 -23.83 6.47
CA ARG B 67 -21.64 -23.58 7.55
C ARG B 67 -21.47 -22.21 8.26
N ASN B 68 -20.22 -21.78 8.44
CA ASN B 68 -19.90 -20.54 9.17
C ASN B 68 -19.39 -19.35 8.31
N ARG B 69 -19.72 -19.39 7.01
CA ARG B 69 -19.25 -18.41 6.00
C ARG B 69 -19.72 -16.95 6.21
N ALA B 70 -20.86 -16.76 6.90
CA ALA B 70 -21.31 -15.42 7.28
C ALA B 70 -21.14 -15.18 8.79
N ASN B 71 -20.28 -16.00 9.40
CA ASN B 71 -20.15 -16.07 10.85
C ASN B 71 -18.68 -15.96 11.31
N GLY B 72 -17.85 -15.30 10.50
CA GLY B 72 -16.46 -15.03 10.88
C GLY B 72 -15.47 -16.18 10.74
N GLU B 73 -15.80 -17.19 9.93
CA GLU B 73 -14.83 -18.23 9.54
C GLU B 73 -14.37 -17.97 8.10
N LEU B 74 -13.06 -18.11 7.86
CA LEU B 74 -12.49 -17.88 6.54
C LEU B 74 -13.14 -18.87 5.59
N PHE B 75 -13.76 -18.34 4.55
CA PHE B 75 -14.41 -19.16 3.53
C PHE B 75 -14.08 -18.64 2.11
N TYR B 76 -14.33 -17.36 1.86
CA TYR B 76 -13.98 -16.75 0.56
C TYR B 76 -13.74 -15.24 0.82
N GLY B 77 -12.76 -14.68 0.11
CA GLY B 77 -12.40 -13.27 0.24
C GLY B 77 -13.54 -12.29 0.12
N ARG B 78 -14.60 -12.66 -0.63
CA ARG B 78 -15.77 -11.75 -0.83
C ARG B 78 -16.56 -11.60 0.44
N ARG B 79 -16.57 -12.67 1.23
CA ARG B 79 -17.10 -12.63 2.59
C ARG B 79 -16.15 -11.98 3.62
N GLY B 80 -14.86 -11.79 3.23
CA GLY B 80 -13.86 -11.19 4.12
C GLY B 80 -12.78 -12.13 4.68
N THR B 81 -11.72 -11.49 5.21
CA THR B 81 -10.62 -12.22 5.83
C THR B 81 -10.51 -11.81 7.30
N LEU B 82 -9.43 -12.16 7.96
CA LEU B 82 -9.28 -11.78 9.36
C LEU B 82 -9.31 -10.28 9.58
N THR B 83 -8.77 -9.56 8.62
CA THR B 83 -8.72 -8.09 8.65
C THR B 83 -10.15 -7.47 8.62
N HIS B 84 -11.04 -8.03 7.78
CA HIS B 84 -12.45 -7.60 7.78
C HIS B 84 -13.13 -7.97 9.07
N PHE B 85 -12.93 -9.22 9.53
CA PHE B 85 -13.60 -9.61 10.76
C PHE B 85 -13.24 -8.70 11.93
N SER B 86 -11.97 -8.31 12.06
CA SER B 86 -11.51 -7.36 13.08
C SER B 86 -12.26 -6.04 13.01
N LEU B 87 -12.30 -5.41 11.85
CA LEU B 87 -13.07 -4.21 11.74
C LEU B 87 -14.55 -4.34 12.07
N GLN B 88 -15.15 -5.38 11.55
CA GLN B 88 -16.53 -5.69 11.84
C GLN B 88 -16.80 -5.80 13.32
N GLN B 89 -15.95 -6.54 14.03
CA GLN B 89 -16.04 -6.63 15.48
C GLN B 89 -15.93 -5.29 16.16
N ALA B 90 -14.97 -4.49 15.74
CA ALA B 90 -14.78 -3.17 16.30
C ALA B 90 -16.01 -2.25 16.07
N MET B 91 -16.62 -2.31 14.88
CA MET B 91 -17.75 -1.49 14.56
C MET B 91 -18.97 -1.91 15.40
N CYS B 92 -19.19 -3.22 15.57
CA CYS B 92 -20.31 -3.69 16.35
C CYS B 92 -20.19 -3.28 17.82
N GLU B 93 -18.97 -3.35 18.33
CA GLU B 93 -18.61 -2.85 19.64
C GLU B 93 -18.87 -1.36 19.72
N LEU B 94 -18.35 -0.57 18.81
CA LEU B 94 -18.49 0.86 19.00
C LEU B 94 -19.94 1.35 18.86
N GLU B 95 -20.70 0.82 17.91
CA GLU B 95 -22.08 1.25 17.68
C GLU B 95 -23.12 0.38 18.37
N GLY B 96 -22.67 -0.68 19.02
CA GLY B 96 -23.62 -1.51 19.79
C GLY B 96 -24.57 -2.32 18.88
N GLY B 97 -23.98 -2.82 17.77
CA GLY B 97 -24.73 -3.53 16.74
C GLY B 97 -24.56 -5.05 16.82
N ALA B 98 -25.42 -5.79 16.10
CA ALA B 98 -25.28 -7.24 16.01
C ALA B 98 -24.40 -7.59 14.82
N GLY B 99 -24.29 -6.69 13.83
CA GLY B 99 -23.38 -6.95 12.72
C GLY B 99 -23.01 -5.68 12.00
N CYS B 100 -21.90 -5.73 11.27
CA CYS B 100 -21.42 -4.63 10.43
C CYS B 100 -21.28 -5.14 8.99
N VAL B 101 -21.90 -4.44 8.03
CA VAL B 101 -21.70 -4.81 6.64
C VAL B 101 -20.83 -3.72 6.03
N LEU B 102 -19.89 -4.10 5.18
CA LEU B 102 -18.84 -3.21 4.65
C LEU B 102 -19.11 -3.01 3.17
N PHE B 103 -18.69 -1.85 2.69
CA PHE B 103 -19.04 -1.42 1.37
C PHE B 103 -17.85 -0.59 0.91
N PRO B 104 -17.67 -0.43 -0.41
CA PRO B 104 -16.56 0.33 -1.01
C PRO B 104 -16.53 1.85 -0.72
N CYS B 105 -17.67 2.42 -0.33
CA CYS B 105 -17.73 3.82 0.07
C CYS B 105 -19.09 4.07 0.77
N GLY B 106 -19.25 5.30 1.23
CA GLY B 106 -20.47 5.69 1.96
C GLY B 106 -21.65 5.58 1.03
N ALA B 107 -21.52 6.13 -0.17
CA ALA B 107 -22.62 6.06 -1.11
C ALA B 107 -23.11 4.67 -1.46
N ALA B 108 -22.17 3.72 -1.52
CA ALA B 108 -22.47 2.32 -1.68
C ALA B 108 -23.19 1.72 -0.47
N ALA B 109 -22.85 2.15 0.75
CA ALA B 109 -23.52 1.61 1.95
C ALA B 109 -24.95 2.17 1.99
N VAL B 110 -25.12 3.42 1.59
CA VAL B 110 -26.48 3.97 1.52
C VAL B 110 -27.36 3.31 0.48
N ALA B 111 -26.90 3.24 -0.78
CA ALA B 111 -27.73 2.77 -1.86
C ALA B 111 -28.05 1.32 -1.58
N ASN B 112 -27.03 0.57 -1.14
CA ASN B 112 -27.20 -0.87 -0.98
C ASN B 112 -27.91 -1.25 0.28
N SER B 113 -27.80 -0.47 1.35
CA SER B 113 -28.64 -0.76 2.57
C SER B 113 -30.12 -0.56 2.24
N ILE B 114 -30.47 0.51 1.50
CA ILE B 114 -31.88 0.72 1.10
C ILE B 114 -32.39 -0.40 0.19
N LEU B 115 -31.58 -0.76 -0.81
CA LEU B 115 -31.95 -1.76 -1.81
C LEU B 115 -32.21 -3.12 -1.15
N ALA B 116 -31.40 -3.47 -0.15
CA ALA B 116 -31.51 -4.76 0.56
C ALA B 116 -32.86 -4.97 1.22
N PHE B 117 -33.59 -3.89 1.53
CA PHE B 117 -34.90 -4.01 2.23
C PHE B 117 -36.13 -3.70 1.38
N ILE B 118 -35.96 -3.24 0.15
CA ILE B 118 -37.15 -2.86 -0.60
C ILE B 118 -37.56 -3.91 -1.66
N GLU B 119 -38.80 -3.76 -2.10
CA GLU B 119 -39.43 -4.53 -3.17
C GLU B 119 -40.28 -3.59 -4.02
N GLN B 120 -40.61 -4.00 -5.25
CA GLN B 120 -41.49 -3.13 -6.06
C GLN B 120 -42.77 -2.87 -5.26
N GLY B 121 -43.27 -1.65 -5.32
CA GLY B 121 -44.50 -1.31 -4.62
C GLY B 121 -44.29 -0.77 -3.20
N ASP B 122 -43.04 -0.68 -2.75
CA ASP B 122 -42.71 -0.10 -1.46
C ASP B 122 -42.59 1.40 -1.54
N HIS B 123 -42.63 2.06 -0.38
CA HIS B 123 -42.45 3.51 -0.32
C HIS B 123 -41.25 3.80 0.59
N VAL B 124 -40.41 4.73 0.16
CA VAL B 124 -39.28 5.20 0.97
C VAL B 124 -39.55 6.61 1.44
N LEU B 125 -39.42 6.82 2.76
CA LEU B 125 -39.58 8.19 3.29
C LEU B 125 -38.26 8.75 3.78
N MET B 126 -37.75 9.83 3.18
CA MET B 126 -36.39 10.25 3.47
C MET B 126 -36.32 11.73 3.85
N THR B 127 -35.44 12.09 4.77
CA THR B 127 -35.31 13.50 5.13
C THR B 127 -34.86 14.28 3.90
N ASN B 128 -35.44 15.45 3.72
CA ASN B 128 -35.05 16.27 2.56
C ASN B 128 -33.67 16.93 2.74
N THR B 129 -33.09 16.80 3.93
CA THR B 129 -31.71 17.20 4.17
C THR B 129 -30.68 16.08 3.95
N ALA B 130 -31.11 14.98 3.34
CA ALA B 130 -30.23 13.81 3.08
C ALA B 130 -29.18 14.21 2.07
N TYR B 131 -27.95 13.72 2.25
CA TYR B 131 -26.90 13.85 1.25
C TYR B 131 -27.38 13.68 -0.20
N GLU B 132 -27.03 14.62 -1.10
CA GLU B 132 -27.63 14.59 -2.45
C GLU B 132 -27.62 13.20 -3.19
N PRO B 133 -26.47 12.49 -3.20
CA PRO B 133 -26.46 11.19 -3.88
C PRO B 133 -27.41 10.18 -3.24
N SER B 134 -27.73 10.35 -1.95
CA SER B 134 -28.67 9.43 -1.34
C SER B 134 -30.06 9.72 -1.88
N GLN B 135 -30.38 10.99 -2.10
CA GLN B 135 -31.68 11.34 -2.64
C GLN B 135 -31.73 10.83 -4.08
N ASP B 136 -30.65 11.12 -4.85
CA ASP B 136 -30.59 10.78 -6.29
C ASP B 136 -30.71 9.28 -6.50
N PHE B 137 -30.15 8.47 -5.62
CA PHE B 137 -30.35 7.03 -5.71
C PHE B 137 -31.86 6.69 -5.68
N CYS B 138 -32.57 7.33 -4.77
CA CYS B 138 -33.99 7.13 -4.61
C CYS B 138 -34.73 7.60 -5.84
N SER B 139 -34.41 8.81 -6.31
CA SER B 139 -35.21 9.34 -7.39
C SER B 139 -34.84 8.76 -8.76
N LYS B 140 -33.56 8.44 -9.00
CA LYS B 140 -33.14 7.85 -10.28
C LYS B 140 -33.10 6.32 -10.33
N ILE B 141 -32.79 5.68 -9.23
CA ILE B 141 -32.68 4.24 -9.32
C ILE B 141 -33.93 3.55 -8.83
N LEU B 142 -34.32 3.83 -7.59
CA LEU B 142 -35.49 3.17 -7.03
C LEU B 142 -36.76 3.41 -7.84
N SER B 143 -36.92 4.58 -8.45
CA SER B 143 -38.19 4.87 -9.09
C SER B 143 -38.45 3.92 -10.23
N LYS B 144 -37.40 3.50 -10.94
CA LYS B 144 -37.61 2.68 -12.11
C LYS B 144 -37.81 1.20 -11.70
N LEU B 145 -37.70 0.92 -10.43
CA LEU B 145 -37.88 -0.45 -9.89
C LEU B 145 -39.20 -0.53 -9.13
N GLY B 146 -40.07 0.47 -9.34
CA GLY B 146 -41.44 0.49 -8.81
C GLY B 146 -41.51 0.83 -7.34
N VAL B 147 -40.49 1.54 -6.88
CA VAL B 147 -40.42 1.96 -5.50
C VAL B 147 -40.49 3.49 -5.48
N THR B 148 -41.43 4.06 -4.73
CA THR B 148 -41.59 5.51 -4.66
C THR B 148 -40.92 6.08 -3.40
N THR B 149 -40.61 7.37 -3.44
CA THR B 149 -39.95 8.04 -2.34
C THR B 149 -40.64 9.37 -2.08
N SER B 150 -40.86 9.73 -0.82
CA SER B 150 -41.22 11.11 -0.55
C SER B 150 -40.26 11.61 0.52
N TRP B 151 -40.32 12.92 0.80
CA TRP B 151 -39.37 13.60 1.67
C TRP B 151 -40.06 14.40 2.74
N PHE B 152 -39.34 14.63 3.85
CA PHE B 152 -39.89 15.35 5.02
C PHE B 152 -38.88 16.36 5.57
N ASP B 153 -39.40 17.39 6.22
CA ASP B 153 -38.57 18.43 6.80
C ASP B 153 -37.90 17.79 7.99
N PRO B 154 -36.61 18.06 8.22
CA PRO B 154 -35.90 17.36 9.28
C PRO B 154 -36.43 17.71 10.66
N LEU B 155 -37.12 18.84 10.80
CA LEU B 155 -37.70 19.21 12.10
C LEU B 155 -39.16 18.78 12.31
N ILE B 156 -39.65 17.86 11.49
CA ILE B 156 -41.06 17.47 11.51
C ILE B 156 -41.40 16.69 12.81
N GLY B 157 -40.40 16.03 13.40
CA GLY B 157 -40.58 15.32 14.69
C GLY B 157 -41.78 14.41 14.66
N ALA B 158 -42.66 14.52 15.66
CA ALA B 158 -43.78 13.59 15.83
C ALA B 158 -44.80 13.71 14.72
N ASP B 159 -44.77 14.82 13.99
CA ASP B 159 -45.68 15.00 12.88
C ASP B 159 -45.31 14.22 11.65
N ILE B 160 -44.24 13.43 11.72
CA ILE B 160 -43.84 12.50 10.66
C ILE B 160 -44.96 11.53 10.27
N VAL B 161 -45.85 11.23 11.22
CA VAL B 161 -47.03 10.37 10.99
C VAL B 161 -47.79 10.79 9.75
N LYS B 162 -47.83 12.10 9.52
CA LYS B 162 -48.48 12.68 8.38
C LYS B 162 -47.93 12.24 7.01
N HIS B 163 -46.68 11.78 7.00
CA HIS B 163 -45.99 11.37 5.78
C HIS B 163 -45.91 9.87 5.57
N LEU B 164 -46.32 9.09 6.58
CA LEU B 164 -46.31 7.63 6.48
C LEU B 164 -47.44 7.12 5.59
N GLN B 165 -47.11 6.12 4.77
CA GLN B 165 -48.08 5.42 3.94
C GLN B 165 -48.22 3.99 4.36
N PRO B 166 -49.33 3.32 3.96
CA PRO B 166 -49.48 1.91 4.24
C PRO B 166 -48.27 1.12 3.78
N ASN B 167 -47.68 1.51 2.65
CA ASN B 167 -46.56 0.80 2.05
C ASN B 167 -45.17 1.37 2.39
N THR B 168 -45.08 2.28 3.35
CA THR B 168 -43.77 2.80 3.79
C THR B 168 -42.91 1.65 4.38
N LYS B 169 -41.82 1.31 3.69
CA LYS B 169 -40.88 0.25 4.12
C LYS B 169 -39.69 0.84 4.89
N ILE B 170 -39.20 1.98 4.42
CA ILE B 170 -38.02 2.57 5.01
C ILE B 170 -38.26 4.02 5.39
N VAL B 171 -37.79 4.40 6.57
CA VAL B 171 -37.71 5.82 6.94
C VAL B 171 -36.23 6.16 7.07
N PHE B 172 -35.75 7.11 6.26
CA PHE B 172 -34.30 7.41 6.17
C PHE B 172 -33.95 8.71 6.82
N LEU B 173 -33.18 8.64 7.92
CA LEU B 173 -32.78 9.84 8.67
C LEU B 173 -31.34 10.22 8.36
N GLU B 174 -31.03 11.53 8.48
CA GLU B 174 -29.63 12.00 8.51
C GLU B 174 -29.56 13.13 9.51
N SER B 175 -28.83 12.97 10.61
CA SER B 175 -28.82 13.99 11.66
C SER B 175 -27.42 14.16 12.19
N PRO B 176 -26.85 15.38 12.12
CA PRO B 176 -27.31 16.63 11.45
C PRO B 176 -27.45 16.41 9.93
N GLY B 177 -28.28 17.22 9.27
CA GLY B 177 -28.49 17.09 7.85
C GLY B 177 -27.28 17.57 7.07
N SER B 178 -27.17 17.14 5.81
CA SER B 178 -26.06 17.51 4.94
C SER B 178 -26.13 18.98 4.68
N ILE B 179 -24.98 19.65 4.80
CA ILE B 179 -24.79 21.05 4.40
C ILE B 179 -25.42 22.06 5.40
N THR B 180 -26.72 21.97 5.60
CA THR B 180 -27.48 22.88 6.44
C THR B 180 -27.55 22.47 7.91
N MET B 181 -27.20 21.23 8.22
CA MET B 181 -26.93 20.80 9.61
C MET B 181 -28.12 20.70 10.59
N GLU B 182 -29.35 20.54 10.12
CA GLU B 182 -30.51 20.53 11.01
C GLU B 182 -30.44 19.22 11.78
N VAL B 183 -30.65 19.29 13.09
CA VAL B 183 -30.67 18.04 13.91
C VAL B 183 -32.11 17.52 14.06
N HIS B 184 -32.33 16.22 13.81
CA HIS B 184 -33.60 15.56 13.99
C HIS B 184 -33.90 15.43 15.51
N ASP B 185 -35.19 15.48 15.81
CA ASP B 185 -35.69 15.00 17.09
C ASP B 185 -35.94 13.49 16.86
N VAL B 186 -34.84 12.71 16.94
CA VAL B 186 -34.90 11.29 16.71
C VAL B 186 -35.90 10.53 17.60
N PRO B 187 -35.85 10.68 18.96
CA PRO B 187 -36.88 10.05 19.81
C PRO B 187 -38.33 10.24 19.37
N ALA B 188 -38.71 11.46 18.95
CA ALA B 188 -40.09 11.77 18.55
C ALA B 188 -40.43 11.10 17.23
N ILE B 189 -39.47 11.12 16.32
CA ILE B 189 -39.61 10.52 15.00
C ILE B 189 -39.74 9.04 15.14
N VAL B 190 -38.84 8.44 15.91
CA VAL B 190 -38.88 6.99 16.08
C VAL B 190 -40.19 6.52 16.72
N ALA B 191 -40.58 7.12 17.84
CA ALA B 191 -41.86 6.86 18.44
C ALA B 191 -43.04 7.05 17.49
N ALA B 192 -43.04 8.08 16.64
CA ALA B 192 -44.15 8.27 15.72
C ALA B 192 -44.25 7.19 14.64
N VAL B 193 -43.10 6.78 14.12
CA VAL B 193 -43.03 5.78 13.06
C VAL B 193 -43.49 4.46 13.63
N ARG B 194 -42.97 4.11 14.80
CA ARG B 194 -43.31 2.83 15.45
C ARG B 194 -44.81 2.74 15.76
N SER B 195 -45.46 3.88 15.99
CA SER B 195 -46.89 3.90 16.33
C SER B 195 -47.81 3.62 15.15
N VAL B 196 -47.28 3.72 13.93
CA VAL B 196 -48.11 3.66 12.71
C VAL B 196 -47.63 2.50 11.86
N VAL B 197 -46.31 2.41 11.66
CA VAL B 197 -45.70 1.32 10.88
C VAL B 197 -44.54 0.69 11.73
N PRO B 198 -44.89 -0.05 12.80
CA PRO B 198 -43.83 -0.55 13.66
C PRO B 198 -42.79 -1.39 12.94
N ASP B 199 -43.16 -2.03 11.83
CA ASP B 199 -42.21 -2.90 11.10
C ASP B 199 -41.39 -2.19 10.02
N ALA B 200 -41.46 -0.86 9.96
CA ALA B 200 -40.63 -0.08 9.08
C ALA B 200 -39.16 -0.33 9.38
N ILE B 201 -38.31 -0.15 8.37
CA ILE B 201 -36.88 -0.16 8.62
C ILE B 201 -36.39 1.27 8.78
N ILE B 202 -35.95 1.65 9.99
CA ILE B 202 -35.46 3.03 10.19
C ILE B 202 -33.95 3.01 10.11
N MET B 203 -33.42 3.87 9.23
CA MET B 203 -32.00 3.89 8.95
C MET B 203 -31.57 5.29 9.16
N ILE B 204 -30.31 5.46 9.53
CA ILE B 204 -29.75 6.81 9.62
C ILE B 204 -28.39 6.88 8.96
N ASP B 205 -28.12 7.96 8.22
CA ASP B 205 -26.74 8.24 7.89
C ASP B 205 -26.09 8.97 9.09
N ASN B 206 -25.33 8.20 9.87
CA ASN B 206 -24.69 8.66 11.12
C ASN B 206 -23.20 9.13 10.96
N THR B 207 -22.86 9.63 9.78
CA THR B 207 -21.45 9.99 9.47
C THR B 207 -20.89 11.19 10.28
N TRP B 208 -21.70 12.23 10.43
CA TRP B 208 -21.28 13.40 11.20
C TRP B 208 -20.83 13.07 12.63
N ALA B 209 -21.56 12.18 13.28
CA ALA B 209 -21.29 11.75 14.64
C ALA B 209 -20.22 10.66 14.77
N ALA B 210 -19.79 10.13 13.63
CA ALA B 210 -18.81 9.07 13.50
C ALA B 210 -19.31 7.80 14.14
N GLY B 211 -20.65 7.66 14.24
CA GLY B 211 -21.29 6.50 14.90
C GLY B 211 -21.20 6.53 16.41
N VAL B 212 -20.43 7.45 16.97
CA VAL B 212 -20.13 7.43 18.41
C VAL B 212 -20.65 8.62 19.19
N LEU B 213 -20.75 9.80 18.56
CA LEU B 213 -21.34 10.95 19.28
C LEU B 213 -22.87 10.93 19.38
N PHE B 214 -23.48 10.00 18.63
CA PHE B 214 -24.88 9.74 18.67
C PHE B 214 -25.06 8.24 18.49
N LYS B 215 -25.54 7.56 19.53
CA LYS B 215 -25.68 6.13 19.49
C LYS B 215 -27.03 5.69 18.93
N ALA B 216 -27.08 5.57 17.60
CA ALA B 216 -28.32 5.42 16.84
C ALA B 216 -29.10 4.19 17.23
N LEU B 217 -28.38 3.10 17.49
CA LEU B 217 -29.05 1.86 17.81
C LEU B 217 -29.71 1.87 19.20
N ASP B 218 -29.22 2.70 20.13
CA ASP B 218 -29.89 2.89 21.41
C ASP B 218 -31.17 3.71 21.27
N PHE B 219 -31.41 4.29 20.09
CA PHE B 219 -32.54 5.18 19.93
C PHE B 219 -33.66 4.48 19.20
N GLY B 220 -33.50 3.18 19.00
CA GLY B 220 -34.46 2.37 18.27
C GLY B 220 -34.39 2.43 16.76
N ILE B 221 -33.26 2.92 16.21
CA ILE B 221 -32.99 2.88 14.78
C ILE B 221 -32.47 1.48 14.46
N ASP B 222 -32.81 1.00 13.27
CA ASP B 222 -32.41 -0.33 12.88
C ASP B 222 -31.00 -0.37 12.27
N VAL B 223 -30.61 0.65 11.50
CA VAL B 223 -29.37 0.53 10.76
C VAL B 223 -28.67 1.88 10.82
N SER B 224 -27.44 1.89 11.28
CA SER B 224 -26.64 3.10 11.34
C SER B 224 -25.58 2.98 10.29
N ILE B 225 -25.63 3.90 9.30
CA ILE B 225 -24.79 3.83 8.14
C ILE B 225 -23.73 4.97 8.27
N GLN B 226 -22.48 4.70 7.91
CA GLN B 226 -21.46 5.77 7.80
C GLN B 226 -20.66 5.71 6.53
N ALA B 227 -20.35 6.87 5.96
CA ALA B 227 -19.18 6.93 5.15
C ALA B 227 -17.98 6.90 6.07
N ALA B 228 -17.39 5.73 6.25
CA ALA B 228 -16.22 5.57 7.10
C ALA B 228 -15.05 6.40 6.59
N THR B 229 -15.07 6.67 5.28
CA THR B 229 -14.23 7.66 4.54
C THR B 229 -13.95 8.96 5.32
N LYS B 230 -14.94 9.40 6.08
CA LYS B 230 -14.91 10.66 6.82
C LYS B 230 -14.10 10.48 8.08
N TYR B 231 -14.75 10.56 9.25
CA TYR B 231 -14.03 10.49 10.54
C TYR B 231 -13.33 9.19 10.91
N LEU B 232 -13.89 8.05 10.53
CA LEU B 232 -13.32 6.81 11.03
C LEU B 232 -11.92 6.63 10.42
N VAL B 233 -11.81 6.84 9.11
CA VAL B 233 -10.49 6.82 8.43
C VAL B 233 -9.64 8.04 8.85
N GLY B 234 -10.23 9.24 8.73
CA GLY B 234 -9.74 10.43 9.42
C GLY B 234 -8.68 11.22 8.66
N HIS B 235 -8.28 10.72 7.49
CA HIS B 235 -7.06 11.22 6.82
C HIS B 235 -7.30 11.52 5.34
N SER B 236 -8.55 11.33 4.87
CA SER B 236 -8.95 11.69 3.50
C SER B 236 -8.21 10.88 2.42
N ASP B 237 -7.90 9.63 2.70
CA ASP B 237 -7.12 8.80 1.78
C ASP B 237 -7.57 7.35 1.59
N ALA B 238 -8.66 6.96 2.23
CA ALA B 238 -9.32 5.67 1.97
C ALA B 238 -10.85 5.88 1.92
N MET B 239 -11.55 5.08 1.12
CA MET B 239 -13.02 5.14 1.01
C MET B 239 -13.60 3.79 1.44
N ILE B 240 -14.74 3.81 2.13
CA ILE B 240 -15.35 2.61 2.78
C ILE B 240 -16.67 3.08 3.37
N GLY B 241 -17.71 2.23 3.29
CA GLY B 241 -19.00 2.47 3.96
C GLY B 241 -19.20 1.32 4.96
N THR B 242 -19.94 1.63 6.02
CA THR B 242 -20.28 0.63 7.04
C THR B 242 -21.77 0.76 7.26
N ALA B 243 -22.43 -0.35 7.61
CA ALA B 243 -23.79 -0.34 8.08
C ALA B 243 -23.82 -1.25 9.28
N VAL B 244 -23.98 -0.66 10.45
CA VAL B 244 -24.15 -1.43 11.69
C VAL B 244 -25.64 -1.70 11.92
N CYS B 245 -26.00 -2.97 12.19
CA CYS B 245 -27.40 -3.42 12.10
C CYS B 245 -27.75 -3.93 13.48
N ASN B 246 -28.97 -3.71 13.95
CA ASN B 246 -29.47 -4.55 15.09
C ASN B 246 -29.62 -5.98 14.65
N ALA B 247 -29.85 -6.86 15.63
CA ALA B 247 -30.14 -8.26 15.35
C ALA B 247 -31.30 -8.52 14.39
N ARG B 248 -32.39 -7.75 14.54
CA ARG B 248 -33.49 -7.80 13.59
C ARG B 248 -33.09 -7.76 12.12
N CYS B 249 -32.23 -6.81 11.77
CA CYS B 249 -32.06 -6.45 10.36
C CYS B 249 -30.78 -6.96 9.72
N TRP B 250 -29.89 -7.52 10.54
CA TRP B 250 -28.55 -7.85 10.08
C TRP B 250 -28.50 -8.87 8.94
N GLU B 251 -29.14 -10.03 9.15
CA GLU B 251 -29.11 -11.05 8.12
C GLU B 251 -29.52 -10.59 6.72
N GLN B 252 -30.63 -9.85 6.61
CA GLN B 252 -31.18 -9.45 5.31
C GLN B 252 -30.26 -8.41 4.68
N LEU B 253 -29.70 -7.52 5.49
CA LEU B 253 -28.84 -6.49 4.90
C LEU B 253 -27.56 -7.20 4.41
N ARG B 254 -27.08 -8.16 5.19
CA ARG B 254 -25.84 -8.80 4.92
C ARG B 254 -25.94 -9.68 3.67
N GLU B 255 -26.97 -10.55 3.65
CA GLU B 255 -27.13 -11.47 2.54
C GLU B 255 -27.47 -10.77 1.22
N ASN B 256 -28.29 -9.70 1.31
CA ASN B 256 -28.68 -8.94 0.11
C ASN B 256 -27.57 -8.04 -0.36
N ALA B 257 -26.80 -7.50 0.57
CA ALA B 257 -25.61 -6.79 0.18
C ALA B 257 -24.60 -7.77 -0.46
N TYR B 258 -24.49 -9.00 0.09
CA TYR B 258 -23.60 -9.97 -0.54
C TYR B 258 -23.97 -10.30 -2.03
N LEU B 259 -25.27 -10.42 -2.30
CA LEU B 259 -25.80 -10.67 -3.64
C LEU B 259 -25.48 -9.56 -4.65
N MET B 260 -25.24 -8.34 -4.15
CA MET B 260 -24.76 -7.18 -4.99
C MET B 260 -23.22 -7.13 -5.02
N GLY B 261 -22.56 -8.18 -4.48
CA GLY B 261 -21.10 -8.25 -4.42
C GLY B 261 -20.42 -7.20 -3.60
N GLN B 262 -21.14 -6.60 -2.65
CA GLN B 262 -20.57 -5.54 -1.80
C GLN B 262 -19.54 -6.03 -0.78
N MET B 263 -18.36 -5.41 -0.82
CA MET B 263 -17.24 -5.69 0.07
C MET B 263 -16.31 -4.51 0.01
N VAL B 264 -15.29 -4.55 0.89
CA VAL B 264 -14.20 -3.58 0.81
C VAL B 264 -12.88 -4.35 0.91
N ASP B 265 -11.81 -3.79 0.41
CA ASP B 265 -10.52 -4.46 0.38
C ASP B 265 -9.90 -4.51 1.79
N ALA B 266 -9.14 -5.59 2.02
CA ALA B 266 -8.53 -5.83 3.30
C ALA B 266 -7.70 -4.68 3.81
N ASP B 267 -6.90 -4.07 2.93
CA ASP B 267 -6.05 -2.94 3.32
C ASP B 267 -6.86 -1.77 3.83
N THR B 268 -7.95 -1.46 3.15
CA THR B 268 -8.83 -0.41 3.59
C THR B 268 -9.45 -0.75 4.92
N ALA B 269 -9.76 -2.03 5.15
CA ALA B 269 -10.36 -2.37 6.42
C ALA B 269 -9.37 -2.13 7.54
N TYR B 270 -8.13 -2.49 7.29
CA TYR B 270 -7.03 -2.24 8.20
C TYR B 270 -6.89 -0.78 8.56
N ILE B 271 -6.87 0.06 7.56
CA ILE B 271 -6.69 1.48 7.76
C ILE B 271 -7.85 2.10 8.52
N THR B 272 -9.06 1.55 8.32
CA THR B 272 -10.21 2.06 9.01
C THR B 272 -10.12 1.67 10.51
N SER B 273 -9.82 0.41 10.78
CA SER B 273 -9.61 -0.02 12.17
C SER B 273 -8.54 0.86 12.87
N ARG B 274 -7.44 1.08 12.16
CA ARG B 274 -6.33 1.95 12.59
C ARG B 274 -6.78 3.39 12.83
N GLY B 275 -7.66 3.90 11.98
CA GLY B 275 -8.37 5.16 12.23
C GLY B 275 -9.12 5.28 13.54
N LEU B 276 -9.81 4.20 13.95
CA LEU B 276 -10.53 4.25 15.19
C LEU B 276 -9.59 4.68 16.33
N ARG B 277 -8.33 4.31 16.22
CA ARG B 277 -7.41 4.39 17.37
C ARG B 277 -7.25 5.81 17.86
N THR B 278 -7.25 6.75 16.92
CA THR B 278 -7.11 8.12 17.23
C THR B 278 -8.45 8.87 17.12
N LEU B 279 -9.56 8.14 17.02
CA LEU B 279 -10.83 8.87 16.76
C LEU B 279 -11.23 9.77 17.94
N GLY B 280 -11.00 9.35 19.19
CA GLY B 280 -11.33 10.24 20.33
C GLY B 280 -10.52 11.54 20.37
N VAL B 281 -9.19 11.45 20.26
CA VAL B 281 -8.32 12.63 20.33
C VAL B 281 -8.62 13.57 19.16
N ARG B 282 -9.01 13.00 18.02
CA ARG B 282 -9.29 13.84 16.86
C ARG B 282 -10.62 14.56 17.03
N LEU B 283 -11.66 13.83 17.36
CA LEU B 283 -12.98 14.44 17.51
C LEU B 283 -13.02 15.50 18.63
N ARG B 284 -12.27 15.30 19.72
CA ARG B 284 -12.24 16.31 20.79
C ARG B 284 -11.66 17.60 20.24
N GLN B 285 -10.62 17.47 19.42
CA GLN B 285 -10.01 18.62 18.78
C GLN B 285 -10.98 19.28 17.80
N HIS B 286 -11.59 18.49 16.89
CA HIS B 286 -12.62 18.99 15.96
C HIS B 286 -13.78 19.70 16.69
N HIS B 287 -14.26 19.11 17.77
CA HIS B 287 -15.26 19.73 18.62
C HIS B 287 -14.77 21.08 19.19
N GLU B 288 -13.70 21.06 19.98
CA GLU B 288 -13.20 22.29 20.62
C GLU B 288 -12.97 23.40 19.58
N SER B 289 -12.23 23.09 18.51
CA SER B 289 -11.91 24.09 17.46
C SER B 289 -13.15 24.59 16.70
N SER B 290 -14.04 23.68 16.31
CA SER B 290 -15.16 24.09 15.48
C SER B 290 -16.12 24.94 16.30
N LEU B 291 -16.31 24.57 17.57
CA LEU B 291 -17.15 25.35 18.43
C LEU B 291 -16.57 26.76 18.58
N LYS B 292 -15.26 26.87 18.79
CA LYS B 292 -14.64 28.17 18.92
C LYS B 292 -14.84 29.00 17.64
N VAL B 293 -14.69 28.37 16.47
CA VAL B 293 -14.85 29.11 15.20
C VAL B 293 -16.32 29.57 15.04
N ALA B 294 -17.26 28.69 15.39
CA ALA B 294 -18.70 28.94 15.29
C ALA B 294 -19.13 30.13 16.17
N GLU B 295 -18.61 30.16 17.40
CA GLU B 295 -18.88 31.32 18.31
C GLU B 295 -18.36 32.66 17.75
N TRP B 296 -17.15 32.66 17.23
CA TRP B 296 -16.54 33.81 16.60
C TRP B 296 -17.31 34.23 15.34
N LEU B 297 -17.71 33.26 14.51
CA LEU B 297 -18.59 33.58 13.38
C LEU B 297 -19.92 34.15 13.83
N ALA B 298 -20.53 33.61 14.88
CA ALA B 298 -21.83 34.11 15.35
C ALA B 298 -21.76 35.61 15.70
N GLU B 299 -20.58 36.08 16.09
CA GLU B 299 -20.41 37.47 16.54
C GLU B 299 -19.94 38.37 15.41
N HIS B 300 -19.63 37.78 14.27
CA HIS B 300 -19.09 38.56 13.16
C HIS B 300 -20.19 39.32 12.42
N PRO B 301 -19.95 40.60 12.14
CA PRO B 301 -20.93 41.40 11.41
C PRO B 301 -21.30 40.93 10.00
N GLN B 302 -20.45 40.19 9.31
CA GLN B 302 -20.79 39.82 7.95
C GLN B 302 -21.58 38.53 7.87
N VAL B 303 -21.84 37.94 9.03
CA VAL B 303 -22.47 36.62 9.18
C VAL B 303 -23.92 36.70 9.68
N ALA B 304 -24.84 36.08 8.94
CA ALA B 304 -26.24 36.20 9.24
C ALA B 304 -26.69 35.16 10.27
N ARG B 305 -26.13 33.96 10.15
CA ARG B 305 -26.57 32.82 10.96
C ARG B 305 -25.46 31.76 10.93
N VAL B 306 -25.34 30.99 12.00
CA VAL B 306 -24.39 29.92 12.02
C VAL B 306 -25.17 28.63 12.31
N ASN B 307 -24.98 27.64 11.45
CA ASN B 307 -25.64 26.36 11.60
C ASN B 307 -24.60 25.40 12.18
N HIS B 308 -24.37 25.50 13.47
CA HIS B 308 -23.61 24.46 14.16
C HIS B 308 -24.48 23.76 15.19
N PRO B 309 -24.63 22.40 15.14
CA PRO B 309 -25.51 21.76 16.12
C PRO B 309 -25.26 22.15 17.57
N ALA B 310 -24.02 22.53 17.89
CA ALA B 310 -23.61 22.80 19.28
C ALA B 310 -23.98 24.19 19.81
N LEU B 311 -24.54 25.00 18.90
CA LEU B 311 -24.78 26.40 19.10
C LEU B 311 -26.25 26.72 19.22
N PRO B 312 -26.66 27.44 20.29
CA PRO B 312 -28.09 27.84 20.38
C PRO B 312 -28.55 28.67 19.16
N GLY B 313 -29.79 28.49 18.71
CA GLY B 313 -30.28 29.24 17.54
C GLY B 313 -30.10 28.47 16.25
N SER B 314 -29.46 27.30 16.39
CA SER B 314 -29.23 26.37 15.28
C SER B 314 -30.38 25.34 15.35
N LYS B 315 -30.94 25.01 14.19
CA LYS B 315 -32.10 24.11 14.11
C LYS B 315 -31.77 22.75 14.70
N GLY B 316 -32.58 22.34 15.69
CA GLY B 316 -32.44 21.07 16.41
C GLY B 316 -31.36 21.11 17.44
N HIS B 317 -30.80 22.28 17.76
CA HIS B 317 -29.74 22.34 18.79
C HIS B 317 -30.15 21.65 20.09
N GLU B 318 -31.41 21.86 20.44
CA GLU B 318 -32.01 21.32 21.64
C GLU B 318 -31.95 19.76 21.63
N PHE B 319 -32.16 19.16 20.47
CA PHE B 319 -32.10 17.70 20.33
C PHE B 319 -30.61 17.30 20.38
N TRP B 320 -29.73 18.09 19.76
CA TRP B 320 -28.28 17.81 19.87
C TRP B 320 -27.82 17.77 21.34
N LYS B 321 -28.28 18.74 22.14
CA LYS B 321 -27.83 18.85 23.52
C LYS B 321 -28.28 17.64 24.31
N ARG B 322 -29.50 17.18 24.03
CA ARG B 322 -30.12 16.09 24.79
C ARG B 322 -29.57 14.73 24.38
N ASP B 323 -29.34 14.55 23.07
CA ASP B 323 -29.11 13.21 22.50
C ASP B 323 -27.67 12.86 22.11
N PHE B 324 -26.82 13.86 21.92
CA PHE B 324 -25.48 13.63 21.45
C PHE B 324 -24.51 13.76 22.60
N THR B 325 -23.35 13.14 22.50
CA THR B 325 -22.32 13.30 23.53
C THR B 325 -21.16 14.14 23.04
N GLY B 326 -21.31 14.83 21.90
CA GLY B 326 -20.22 15.59 21.36
C GLY B 326 -20.55 16.16 20.01
N SER B 327 -19.64 16.97 19.52
CA SER B 327 -19.67 17.50 18.17
C SER B 327 -18.42 17.13 17.36
N SER B 328 -18.57 17.02 16.05
CA SER B 328 -17.43 16.83 15.19
C SER B 328 -17.10 18.21 14.64
N GLY B 329 -16.38 18.26 13.53
CA GLY B 329 -15.83 19.53 13.01
C GLY B 329 -16.51 20.17 11.82
N LEU B 330 -17.60 19.57 11.37
CA LEU B 330 -18.35 20.05 10.22
C LEU B 330 -19.55 20.95 10.58
N PHE B 331 -19.63 22.15 9.98
CA PHE B 331 -20.81 22.95 10.19
C PHE B 331 -20.89 23.95 9.04
N SER B 332 -21.89 24.80 9.08
CA SER B 332 -21.99 25.87 8.04
C SER B 332 -22.45 27.16 8.64
N PHE B 333 -22.31 28.22 7.84
CA PHE B 333 -22.82 29.50 8.23
C PHE B 333 -23.29 30.20 6.95
N VAL B 334 -24.18 31.17 7.14
CA VAL B 334 -24.82 31.91 6.08
C VAL B 334 -24.32 33.36 6.12
N LEU B 335 -23.80 33.82 4.99
CA LEU B 335 -23.35 35.18 4.87
C LEU B 335 -24.55 36.14 4.84
N LYS B 336 -24.34 37.37 5.29
CA LYS B 336 -25.38 38.40 5.14
C LYS B 336 -25.62 38.71 3.67
N LYS B 337 -24.57 38.66 2.85
CA LYS B 337 -24.69 38.88 1.40
C LYS B 337 -25.00 37.60 0.63
N LYS B 338 -25.67 37.72 -0.50
CA LYS B 338 -25.60 36.64 -1.47
C LYS B 338 -24.49 37.00 -2.46
N LEU B 339 -23.34 36.32 -2.39
CA LEU B 339 -22.19 36.74 -3.24
C LEU B 339 -22.43 36.52 -4.73
N ASN B 340 -22.04 37.51 -5.54
CA ASN B 340 -21.98 37.32 -6.97
C ASN B 340 -20.74 36.50 -7.31
N ASN B 341 -20.65 36.02 -8.54
CA ASN B 341 -19.54 35.18 -8.96
C ASN B 341 -18.13 35.73 -8.73
N GLU B 342 -17.98 37.03 -8.88
CA GLU B 342 -16.68 37.67 -8.74
C GLU B 342 -16.25 37.67 -7.28
N GLU B 343 -17.19 37.94 -6.38
CA GLU B 343 -16.91 37.98 -4.96
C GLU B 343 -16.65 36.57 -4.43
N LEU B 344 -17.35 35.60 -5.00
CA LEU B 344 -17.22 34.18 -4.64
C LEU B 344 -15.79 33.73 -4.95
N ALA B 345 -15.33 34.04 -6.18
CA ALA B 345 -13.95 33.70 -6.59
C ALA B 345 -12.96 34.39 -5.65
N ASN B 346 -13.15 35.70 -5.50
CA ASN B 346 -12.33 36.50 -4.63
C ASN B 346 -12.19 35.86 -3.24
N TYR B 347 -13.33 35.45 -2.69
CA TYR B 347 -13.39 34.90 -1.36
C TYR B 347 -12.69 33.57 -1.35
N LEU B 348 -13.15 32.64 -2.18
CA LEU B 348 -12.74 31.24 -2.09
C LEU B 348 -11.36 31.00 -2.68
N ASP B 349 -10.95 31.82 -3.63
CA ASP B 349 -9.70 31.53 -4.35
C ASP B 349 -8.45 31.91 -3.55
N ASN B 350 -8.64 32.61 -2.44
CA ASN B 350 -7.54 33.27 -1.76
C ASN B 350 -7.28 32.89 -0.30
N PHE B 351 -7.80 31.73 0.08
CA PHE B 351 -7.56 31.14 1.40
C PHE B 351 -6.16 30.51 1.48
N SER B 352 -5.50 30.65 2.62
CA SER B 352 -4.17 30.08 2.83
C SER B 352 -4.20 28.70 3.49
N LEU B 353 -5.21 28.45 4.31
CA LEU B 353 -5.28 27.17 5.05
C LEU B 353 -6.49 26.32 4.72
N PHE B 354 -7.63 26.96 4.46
CA PHE B 354 -8.79 26.23 3.99
C PHE B 354 -8.59 25.85 2.52
N SER B 355 -8.95 24.62 2.16
CA SER B 355 -8.91 24.16 0.77
C SER B 355 -10.34 23.93 0.29
N MET B 356 -10.59 24.12 -1.00
CA MET B 356 -11.84 23.64 -1.60
C MET B 356 -11.75 22.18 -1.97
N ALA B 357 -12.73 21.39 -1.53
CA ALA B 357 -12.78 19.94 -1.75
C ALA B 357 -14.10 19.46 -1.21
N TYR B 358 -14.56 18.36 -1.77
CA TYR B 358 -15.63 17.54 -1.23
C TYR B 358 -15.10 16.55 -0.19
N SER B 359 -16.01 15.81 0.44
CA SER B 359 -15.66 15.07 1.64
C SER B 359 -15.18 16.08 2.73
N TRP B 360 -14.82 15.52 3.87
CA TRP B 360 -14.63 16.24 5.11
C TRP B 360 -14.30 15.12 6.09
N GLY B 361 -14.02 15.42 7.35
CA GLY B 361 -13.79 14.33 8.36
C GLY B 361 -12.31 13.95 8.44
N GLY B 362 -11.48 14.68 7.69
CA GLY B 362 -10.04 14.54 7.75
C GLY B 362 -9.35 15.51 8.69
N TYR B 363 -8.04 15.56 8.61
CA TYR B 363 -7.22 16.30 9.58
C TYR B 363 -7.11 17.74 9.16
N GLU B 364 -7.47 18.03 7.92
CA GLU B 364 -7.30 19.35 7.40
C GLU B 364 -8.66 20.04 7.24
N SER B 365 -8.59 21.37 7.21
CA SER B 365 -9.73 22.29 7.10
C SER B 365 -10.16 22.50 5.66
N LEU B 366 -11.48 22.46 5.42
CA LEU B 366 -12.07 22.60 4.09
C LEU B 366 -13.19 23.64 4.03
N ILE B 367 -13.42 24.18 2.82
CA ILE B 367 -14.43 25.21 2.60
C ILE B 367 -15.16 24.93 1.26
N LEU B 368 -16.46 25.17 1.26
CA LEU B 368 -17.33 24.93 0.15
C LEU B 368 -18.42 25.98 0.20
N ALA B 369 -18.74 26.56 -0.95
CA ALA B 369 -19.85 27.51 -1.01
C ALA B 369 -21.05 26.88 -1.71
N ASN B 370 -22.25 27.24 -1.25
CA ASN B 370 -23.49 26.89 -1.91
C ASN B 370 -24.40 28.12 -1.95
N GLN B 371 -24.97 28.40 -3.10
CA GLN B 371 -25.95 29.46 -3.23
C GLN B 371 -27.33 28.90 -2.85
N PRO B 372 -28.20 29.73 -2.27
CA PRO B 372 -29.53 29.28 -1.83
C PRO B 372 -30.28 28.56 -2.93
N GLU B 373 -30.17 29.06 -4.17
CA GLU B 373 -30.79 28.37 -5.32
C GLU B 373 -30.31 26.90 -5.49
N HIS B 374 -29.02 26.64 -5.24
CA HIS B 374 -28.47 25.29 -5.31
C HIS B 374 -29.11 24.39 -4.22
N ILE B 375 -29.17 24.89 -2.98
CA ILE B 375 -29.74 24.16 -1.85
C ILE B 375 -31.28 24.00 -2.01
N ALA B 376 -31.98 25.03 -2.49
CA ALA B 376 -33.44 24.88 -2.71
C ALA B 376 -33.74 23.70 -3.66
N ALA B 377 -32.86 23.51 -4.66
CA ALA B 377 -32.95 22.44 -5.68
C ALA B 377 -32.76 21.02 -5.13
N ILE B 378 -32.13 20.91 -3.97
CA ILE B 378 -31.91 19.60 -3.32
C ILE B 378 -32.63 19.55 -1.99
N ARG B 379 -33.66 20.39 -1.84
CA ARG B 379 -34.58 20.29 -0.70
C ARG B 379 -35.99 19.95 -1.18
N PRO B 380 -36.22 18.69 -1.60
CA PRO B 380 -37.54 18.31 -2.11
C PRO B 380 -38.66 18.38 -1.05
N GLN B 381 -39.84 18.82 -1.48
CA GLN B 381 -41.01 18.97 -0.61
C GLN B 381 -40.68 19.74 0.67
N GLY B 382 -39.96 20.86 0.49
CA GLY B 382 -39.61 21.70 1.62
C GLY B 382 -39.04 22.99 1.12
N GLU B 383 -38.92 23.98 2.00
CA GLU B 383 -38.45 25.33 1.66
C GLU B 383 -37.14 25.53 2.35
N ILE B 384 -36.27 26.36 1.78
CA ILE B 384 -35.06 26.79 2.50
C ILE B 384 -35.40 27.94 3.46
N ASP B 385 -34.48 28.25 4.38
CA ASP B 385 -34.75 29.29 5.40
C ASP B 385 -33.72 30.44 5.38
N PHE B 386 -32.98 30.61 4.27
CA PHE B 386 -31.92 31.60 4.23
C PHE B 386 -31.90 32.15 2.81
N SER B 387 -31.20 33.24 2.63
CA SER B 387 -31.11 33.87 1.33
C SER B 387 -29.69 34.37 1.00
N GLY B 388 -28.77 34.30 1.95
CA GLY B 388 -27.37 34.70 1.65
C GLY B 388 -26.57 33.47 1.24
N THR B 389 -25.31 33.65 0.87
CA THR B 389 -24.46 32.52 0.46
C THR B 389 -24.15 31.62 1.66
N LEU B 390 -24.28 30.33 1.45
CA LEU B 390 -24.05 29.39 2.58
C LEU B 390 -22.64 28.86 2.42
N ILE B 391 -21.85 29.03 3.48
CA ILE B 391 -20.51 28.46 3.52
C ILE B 391 -20.45 27.22 4.46
N ARG B 392 -20.05 26.08 3.92
CA ARG B 392 -19.79 24.90 4.74
C ARG B 392 -18.29 24.80 5.07
N LEU B 393 -17.98 24.72 6.37
CA LEU B 393 -16.61 24.56 6.84
C LEU B 393 -16.36 23.19 7.40
N HIS B 394 -15.23 22.58 7.05
CA HIS B 394 -14.75 21.48 7.88
C HIS B 394 -13.58 22.01 8.70
N ILE B 395 -13.67 21.96 10.01
CA ILE B 395 -12.56 22.46 10.83
C ILE B 395 -11.64 21.28 11.18
N GLY B 396 -10.40 21.31 10.70
CA GLY B 396 -9.47 20.18 10.92
C GLY B 396 -8.61 20.38 12.16
N LEU B 397 -7.35 20.01 12.07
CA LEU B 397 -6.51 19.98 13.27
C LEU B 397 -5.53 21.11 13.33
N GLU B 398 -5.62 22.07 12.39
CA GLU B 398 -4.73 23.21 12.43
C GLU B 398 -4.94 24.06 13.70
N ASP B 399 -4.04 25.00 13.94
CA ASP B 399 -4.24 25.88 15.07
C ASP B 399 -5.51 26.71 14.86
N VAL B 400 -6.40 26.74 15.87
CA VAL B 400 -7.71 27.37 15.67
C VAL B 400 -7.57 28.86 15.40
N ASP B 401 -6.60 29.52 16.02
CA ASP B 401 -6.40 30.96 15.75
C ASP B 401 -5.87 31.24 14.34
N ASP B 402 -5.04 30.34 13.81
CA ASP B 402 -4.62 30.45 12.39
C ASP B 402 -5.82 30.34 11.47
N LEU B 403 -6.74 29.48 11.85
CA LEU B 403 -7.93 29.25 11.05
C LEU B 403 -8.86 30.46 11.08
N ILE B 404 -9.06 30.99 12.26
CA ILE B 404 -9.81 32.24 12.38
C ILE B 404 -9.18 33.41 11.63
N ALA B 405 -7.84 33.54 11.67
CA ALA B 405 -7.17 34.54 10.83
C ALA B 405 -7.43 34.33 9.34
N ASP B 406 -7.48 33.09 8.89
CA ASP B 406 -7.76 32.81 7.47
C ASP B 406 -9.20 33.20 7.08
N LEU B 407 -10.17 32.75 7.87
CA LEU B 407 -11.57 33.20 7.75
C LEU B 407 -11.69 34.74 7.83
N ASP B 408 -10.97 35.34 8.78
CA ASP B 408 -11.06 36.77 8.93
C ASP B 408 -10.53 37.47 7.69
N ALA B 409 -9.42 37.00 7.12
CA ALA B 409 -8.94 37.65 5.88
C ALA B 409 -9.96 37.47 4.75
N GLY B 410 -10.64 36.33 4.69
CA GLY B 410 -11.71 36.07 3.73
C GLY B 410 -12.81 37.11 3.82
N PHE B 411 -13.20 37.49 5.02
CA PHE B 411 -14.31 38.43 5.17
C PHE B 411 -13.87 39.76 4.63
N ALA B 412 -12.59 40.10 4.87
CA ALA B 412 -12.01 41.33 4.39
C ALA B 412 -12.09 41.41 2.86
N ARG B 413 -11.96 40.26 2.20
CA ARG B 413 -12.06 40.19 0.75
C ARG B 413 -13.47 40.45 0.21
N ILE B 414 -14.51 40.26 1.03
CA ILE B 414 -15.89 40.47 0.54
C ILE B 414 -16.73 41.54 1.29
N VAL B 415 -16.09 42.44 2.04
CA VAL B 415 -16.85 43.49 2.75
C VAL B 415 -17.53 44.44 1.76
#